data_6W7Y
#
_entry.id   6W7Y
#
_cell.length_a   52.065
_cell.length_b   201.032
_cell.length_c   56.971
_cell.angle_alpha   90.000
_cell.angle_beta   109.440
_cell.angle_gamma   90.000
#
_symmetry.space_group_name_H-M   'P 1 21 1'
#
loop_
_entity.id
_entity.type
_entity.pdbx_description
1 polymer 'CR3022 Heavy chain'
2 polymer 'CR3022 Light chain'
#
loop_
_entity_poly.entity_id
_entity_poly.type
_entity_poly.pdbx_seq_one_letter_code
_entity_poly.pdbx_strand_id
1 'polypeptide(L)'
;EVQLVQSGTEVKKPGESLKISCKGSGYGFITYWIGWVRQMPGKGLEWMGIIYPGDSETRYSPSFQGQVTISADKSINTAY
LQWSSLKASDTAIYYCAGGSGISTPMDVWGQGTTVTVSSASTKGPSVFPLAPSSKSTSGGTAALGCLVKDYFPEPVTVSW
NSGALTSGVHTFPAVLQSSGLYSLSSVVTVPSSSLGTQTYICNVNHKPSNTKVDKKVEPKSCDK
;
H,A
2 'polypeptide(L)'
;DIVMTQSPDSLAVSLGERATINCKSSQSVLYSSINKNYLAWYQQKPGQPPKLLIYWASTRESGVPDRFSGSGSGTDFTLT
ISSLQAEDVAVYYCQQYYSTPYTFGQGTKVEIKRTVAAPSVFIFPPSDEQLKSGTASVVCLLNNFYPREAKVQWKVDNAL
QSGNSQESVTEQDSKDSTYSLSSTLTLSKADYEKHKVYACEVTHQGLSSPVTKSFNRGEC
;
L,B
#
# COMPACT_ATOMS: atom_id res chain seq x y z
N GLU A 1 11.55 -28.73 45.58
CA GLU A 1 11.64 -28.48 44.16
C GLU A 1 10.26 -28.22 43.54
N VAL A 2 10.15 -27.14 42.79
CA VAL A 2 8.88 -26.79 42.14
C VAL A 2 9.01 -26.80 40.63
N GLN A 3 8.07 -27.47 39.97
CA GLN A 3 8.09 -27.56 38.51
C GLN A 3 6.71 -27.23 37.93
N LEU A 4 6.68 -26.97 36.63
CA LEU A 4 5.42 -26.64 35.95
C LEU A 4 5.49 -27.15 34.52
N VAL A 5 4.61 -28.10 34.18
CA VAL A 5 4.54 -28.65 32.82
C VAL A 5 3.22 -28.26 32.17
N GLN A 6 3.27 -27.93 30.88
CA GLN A 6 2.10 -27.57 30.09
C GLN A 6 1.82 -28.62 29.02
N SER A 7 0.57 -28.62 28.55
CA SER A 7 0.10 -29.61 27.60
C SER A 7 0.74 -29.40 26.22
N GLY A 8 0.45 -30.33 25.33
CA GLY A 8 1.04 -30.31 23.99
C GLY A 8 0.52 -29.15 23.15
N THR A 9 1.29 -28.86 22.09
CA THR A 9 0.92 -27.80 21.16
C THR A 9 -0.39 -28.13 20.46
N GLU A 10 -1.09 -27.10 20.00
CA GLU A 10 -2.43 -27.26 19.48
C GLU A 10 -2.58 -26.59 18.12
N VAL A 11 -3.35 -27.21 17.23
CA VAL A 11 -3.69 -26.66 15.93
C VAL A 11 -5.20 -26.70 15.78
N LYS A 12 -5.81 -25.58 15.40
CA LYS A 12 -7.26 -25.50 15.25
C LYS A 12 -7.63 -24.48 14.19
N LYS A 13 -8.95 -24.35 13.97
CA LYS A 13 -9.62 -23.41 13.10
C LYS A 13 -10.33 -22.36 13.95
N PRO A 14 -10.54 -21.20 13.39
CA PRO A 14 -11.14 -20.14 14.13
C PRO A 14 -12.49 -20.50 14.47
N GLY A 15 -12.82 -20.46 15.73
CA GLY A 15 -14.14 -20.78 16.14
C GLY A 15 -14.15 -21.68 17.34
N GLU A 16 -13.36 -22.74 17.39
CA GLU A 16 -13.45 -23.61 18.54
C GLU A 16 -12.85 -23.13 19.77
N SER A 17 -13.19 -23.87 20.78
CA SER A 17 -12.74 -23.66 22.08
C SER A 17 -11.71 -24.66 22.38
N LEU A 18 -10.80 -24.25 23.23
CA LEU A 18 -9.64 -25.03 23.64
C LEU A 18 -9.24 -24.62 25.04
N LYS A 19 -8.34 -25.39 25.63
CA LYS A 19 -7.90 -25.17 27.00
C LYS A 19 -6.51 -25.73 27.19
N ILE A 20 -5.70 -25.05 28.00
CA ILE A 20 -4.33 -25.45 28.31
C ILE A 20 -4.28 -25.89 29.77
N SER A 21 -3.58 -26.99 30.02
CA SER A 21 -3.44 -27.54 31.37
C SER A 21 -2.04 -27.22 31.88
N CYS A 22 -1.98 -26.61 33.06
CA CYS A 22 -0.72 -26.24 33.69
C CYS A 22 -0.67 -26.93 35.05
N LYS A 23 0.05 -28.03 35.12
CA LYS A 23 0.13 -28.87 36.32
C LYS A 23 1.39 -28.54 37.11
N GLY A 24 1.26 -28.53 38.43
CA GLY A 24 2.36 -28.20 39.31
C GLY A 24 2.67 -29.35 40.24
N SER A 25 3.96 -29.49 40.56
CA SER A 25 4.44 -30.55 41.43
C SER A 25 5.62 -30.02 42.23
N GLY A 26 5.95 -30.73 43.30
CA GLY A 26 7.07 -30.38 44.15
C GLY A 26 6.60 -29.97 45.54
N TYR A 27 7.59 -29.68 46.38
CA TYR A 27 7.31 -29.22 47.73
C TYR A 27 6.58 -27.88 47.69
N GLY A 28 5.47 -27.80 48.41
CA GLY A 28 4.75 -26.56 48.61
C GLY A 28 4.31 -25.79 47.38
N PHE A 29 3.52 -26.44 46.52
CA PHE A 29 2.86 -25.75 45.42
C PHE A 29 1.69 -24.90 45.90
N ILE A 30 1.22 -25.16 47.12
CA ILE A 30 -0.04 -24.57 47.58
C ILE A 30 0.04 -23.05 47.54
N THR A 31 1.16 -22.46 47.98
CA THR A 31 1.27 -21.02 48.11
C THR A 31 1.46 -20.31 46.77
N TYR A 32 1.69 -21.02 45.68
CA TYR A 32 2.06 -20.38 44.43
C TYR A 32 0.85 -19.89 43.66
N TRP A 33 0.83 -18.60 43.38
CA TRP A 33 -0.17 -17.99 42.51
C TRP A 33 0.34 -18.11 41.08
N ILE A 34 -0.52 -18.60 40.18
CA ILE A 34 -0.11 -18.89 38.81
C ILE A 34 -0.61 -17.77 37.90
N GLY A 35 0.29 -17.22 37.10
CA GLY A 35 -0.09 -16.22 36.13
C GLY A 35 0.10 -16.75 34.73
N TRP A 36 -0.63 -16.20 33.77
CA TRP A 36 -0.51 -16.60 32.37
C TRP A 36 0.03 -15.42 31.58
N VAL A 37 0.88 -15.73 30.59
CA VAL A 37 1.54 -14.71 29.79
C VAL A 37 1.61 -15.21 28.36
N ARG A 38 1.35 -14.31 27.41
CA ARG A 38 1.32 -14.65 26.01
C ARG A 38 2.53 -14.03 25.31
N GLN A 39 3.08 -14.77 24.36
CA GLN A 39 4.15 -14.28 23.50
C GLN A 39 3.68 -14.50 22.06
N MET A 40 3.25 -13.42 21.41
CA MET A 40 2.87 -13.52 20.02
C MET A 40 4.12 -13.81 19.19
N PRO A 41 3.96 -14.39 18.00
CA PRO A 41 5.14 -14.85 17.24
C PRO A 41 6.21 -13.80 16.99
N GLY A 42 5.82 -12.62 16.49
CA GLY A 42 6.79 -11.58 16.24
C GLY A 42 7.12 -10.74 17.47
N LYS A 43 6.12 -10.48 18.31
CA LYS A 43 6.24 -9.49 19.36
C LYS A 43 6.86 -10.08 20.63
N GLY A 44 6.57 -9.47 21.77
CA GLY A 44 7.18 -9.89 23.03
C GLY A 44 6.21 -10.49 24.03
N LEU A 45 6.41 -10.17 25.30
CA LEU A 45 5.58 -10.70 26.37
C LEU A 45 4.44 -9.74 26.71
N GLU A 46 3.37 -10.30 27.26
CA GLU A 46 2.23 -9.52 27.72
C GLU A 46 1.45 -10.32 28.75
N TRP A 47 1.14 -9.69 29.88
CA TRP A 47 0.51 -10.36 31.00
C TRP A 47 -1.00 -10.44 30.79
N MET A 48 -1.56 -11.65 30.92
CA MET A 48 -2.99 -11.87 30.74
C MET A 48 -3.75 -11.85 32.07
N GLY A 49 -3.35 -12.71 33.01
CA GLY A 49 -4.04 -12.77 34.28
C GLY A 49 -3.28 -13.64 35.26
N ILE A 50 -3.82 -13.70 36.48
CA ILE A 50 -3.21 -14.48 37.56
C ILE A 50 -4.33 -15.14 38.36
N ILE A 51 -4.12 -16.34 38.87
CA ILE A 51 -5.16 -16.97 39.70
C ILE A 51 -4.61 -17.89 40.75
N TYR A 52 -5.26 -18.01 41.88
CA TYR A 52 -4.77 -18.81 42.96
C TYR A 52 -5.70 -19.94 43.11
N PRO A 53 -5.25 -21.18 43.07
CA PRO A 53 -6.12 -22.32 43.27
C PRO A 53 -6.62 -22.14 44.65
N GLY A 54 -7.90 -22.34 44.79
CA GLY A 54 -8.58 -21.85 45.97
C GLY A 54 -9.40 -20.61 45.54
N ASP A 55 -9.43 -20.29 44.24
CA ASP A 55 -10.23 -19.34 43.47
C ASP A 55 -10.13 -17.87 43.35
N SER A 56 -9.21 -17.21 44.01
CA SER A 56 -9.22 -15.77 43.93
C SER A 56 -8.64 -15.51 42.60
N GLU A 57 -9.41 -15.85 41.61
CA GLU A 57 -8.96 -15.52 40.26
C GLU A 57 -9.38 -14.11 39.84
N THR A 58 -9.37 -13.17 40.79
CA THR A 58 -9.95 -11.85 40.55
C THR A 58 -9.28 -11.10 39.40
N ARG A 59 -7.99 -11.30 39.20
CA ARG A 59 -7.19 -10.38 38.40
C ARG A 59 -7.11 -10.78 36.93
N TYR A 60 -7.46 -9.84 36.06
CA TYR A 60 -7.41 -9.93 34.61
C TYR A 60 -6.80 -8.64 34.07
N SER A 61 -6.35 -8.68 32.82
CA SER A 61 -5.99 -7.44 32.15
C SER A 61 -7.17 -6.86 31.38
N PRO A 62 -7.32 -5.52 31.32
CA PRO A 62 -8.39 -4.95 30.50
C PRO A 62 -8.34 -5.40 29.05
N SER A 63 -7.13 -5.54 28.49
CA SER A 63 -6.97 -6.04 27.13
C SER A 63 -7.52 -7.46 27.00
N PHE A 64 -7.38 -8.28 28.04
CA PHE A 64 -7.81 -9.68 28.02
C PHE A 64 -8.99 -9.94 28.95
N GLN A 65 -9.78 -8.90 29.25
CA GLN A 65 -10.89 -9.09 30.19
C GLN A 65 -12.04 -9.86 29.55
N GLY A 66 -12.51 -9.41 28.39
CA GLY A 66 -13.60 -10.09 27.72
C GLY A 66 -13.21 -11.30 26.89
N GLN A 67 -11.92 -11.53 26.64
CA GLN A 67 -11.52 -12.60 25.73
C GLN A 67 -11.59 -13.99 26.36
N VAL A 68 -10.84 -14.23 27.44
CA VAL A 68 -10.60 -15.60 27.90
C VAL A 68 -11.00 -15.79 29.35
N THR A 69 -11.27 -17.05 29.71
CA THR A 69 -11.60 -17.45 31.07
C THR A 69 -10.53 -18.41 31.60
N ILE A 70 -10.08 -18.17 32.81
CA ILE A 70 -9.07 -18.97 33.46
C ILE A 70 -9.73 -19.73 34.61
N SER A 71 -9.00 -20.67 35.16
CA SER A 71 -9.54 -21.47 36.21
C SER A 71 -8.52 -22.33 36.85
N ALA A 72 -8.93 -23.12 37.80
CA ALA A 72 -8.06 -24.08 38.44
C ALA A 72 -8.84 -25.21 39.03
N ASP A 73 -8.21 -26.34 39.25
CA ASP A 73 -8.88 -27.42 39.87
C ASP A 73 -7.93 -27.72 40.89
N LYS A 74 -8.27 -27.51 42.14
CA LYS A 74 -7.35 -27.80 43.22
C LYS A 74 -7.04 -29.22 43.35
N SER A 75 -7.97 -30.09 43.06
CA SER A 75 -7.73 -31.48 43.27
C SER A 75 -6.55 -32.00 42.56
N ILE A 76 -6.41 -31.75 41.28
CA ILE A 76 -5.23 -32.31 40.59
C ILE A 76 -4.10 -31.29 40.48
N ASN A 77 -4.24 -30.12 41.08
CA ASN A 77 -3.25 -29.05 41.16
C ASN A 77 -2.98 -28.38 39.82
N THR A 78 -3.61 -28.84 38.74
CA THR A 78 -3.48 -28.20 37.43
C THR A 78 -4.12 -26.82 37.44
N ALA A 79 -4.05 -26.12 36.35
CA ALA A 79 -4.74 -24.86 36.24
C ALA A 79 -4.97 -24.62 34.78
N TYR A 80 -6.11 -24.08 34.38
CA TYR A 80 -6.44 -23.96 32.96
C TYR A 80 -6.64 -22.57 32.47
N LEU A 81 -6.62 -22.35 31.17
CA LEU A 81 -6.89 -21.04 30.58
C LEU A 81 -7.83 -21.25 29.44
N GLN A 82 -9.00 -20.62 29.38
CA GLN A 82 -9.97 -20.95 28.33
C GLN A 82 -10.37 -19.99 27.29
N TRP A 83 -10.73 -20.54 26.15
CA TRP A 83 -11.12 -19.73 25.03
C TRP A 83 -12.50 -20.03 24.43
N SER A 84 -13.32 -19.02 24.35
CA SER A 84 -14.63 -19.12 23.77
C SER A 84 -14.62 -19.31 22.28
N SER A 85 -13.72 -18.63 21.63
CA SER A 85 -13.68 -18.63 20.18
C SER A 85 -12.37 -18.04 19.72
N LEU A 86 -11.74 -18.70 18.76
CA LEU A 86 -10.43 -18.28 18.27
C LEU A 86 -10.55 -17.39 17.04
N LYS A 87 -9.52 -16.58 16.81
CA LYS A 87 -9.34 -15.81 15.59
C LYS A 87 -7.92 -16.01 15.09
N ALA A 88 -7.60 -15.41 13.95
CA ALA A 88 -6.28 -15.62 13.36
C ALA A 88 -5.18 -14.98 14.20
N SER A 89 -5.50 -13.94 14.97
CA SER A 89 -4.52 -13.29 15.84
C SER A 89 -4.22 -14.07 17.11
N ASP A 90 -4.95 -15.16 17.38
CA ASP A 90 -4.75 -15.92 18.61
C ASP A 90 -3.58 -16.89 18.52
N THR A 91 -2.97 -17.04 17.35
CA THR A 91 -1.83 -17.93 17.18
C THR A 91 -0.65 -17.36 17.94
N ALA A 92 -0.25 -18.01 19.03
CA ALA A 92 0.84 -17.51 19.86
C ALA A 92 1.33 -18.64 20.77
N ILE A 93 2.40 -18.35 21.50
CA ILE A 93 2.93 -19.23 22.53
C ILE A 93 2.48 -18.71 23.88
N TYR A 94 2.04 -19.61 24.75
CA TYR A 94 1.49 -19.26 26.04
C TYR A 94 2.25 -19.99 27.15
N TYR A 95 2.61 -19.25 28.19
CA TYR A 95 3.33 -19.77 29.35
C TYR A 95 2.49 -19.58 30.60
N CYS A 96 2.65 -20.49 31.56
CA CYS A 96 2.19 -20.29 32.92
C CYS A 96 3.40 -20.14 33.84
N ALA A 97 3.32 -19.21 34.77
CA ALA A 97 4.42 -18.91 35.68
C ALA A 97 3.88 -18.81 37.10
N GLY A 98 4.78 -18.98 38.07
CA GLY A 98 4.39 -19.00 39.46
C GLY A 98 5.07 -18.00 40.37
N GLY A 99 4.28 -17.32 41.19
CA GLY A 99 4.79 -16.45 42.22
C GLY A 99 4.11 -16.72 43.54
N SER A 100 4.87 -16.58 44.62
CA SER A 100 4.44 -17.01 45.95
C SER A 100 3.78 -15.85 46.69
N GLY A 101 2.53 -15.58 46.33
CA GLY A 101 1.75 -14.57 46.99
C GLY A 101 1.03 -13.69 45.98
N ILE A 102 0.54 -12.56 46.48
CA ILE A 102 -0.16 -11.60 45.64
C ILE A 102 0.84 -10.79 44.82
N SER A 103 1.70 -10.04 45.50
CA SER A 103 2.61 -9.10 44.85
C SER A 103 4.03 -9.68 44.82
N THR A 104 4.24 -10.67 43.94
CA THR A 104 5.50 -11.39 43.88
C THR A 104 5.89 -11.64 42.43
N PRO A 105 7.19 -11.72 42.13
CA PRO A 105 7.64 -12.01 40.76
C PRO A 105 7.46 -13.48 40.42
N MET A 106 7.41 -13.74 39.11
CA MET A 106 7.20 -15.11 38.62
C MET A 106 8.55 -15.81 38.52
N ASP A 107 8.91 -16.56 39.56
CA ASP A 107 10.22 -17.20 39.61
C ASP A 107 10.27 -18.46 38.76
N VAL A 108 9.24 -19.30 38.82
CA VAL A 108 9.23 -20.59 38.13
C VAL A 108 8.26 -20.53 36.96
N TRP A 109 8.70 -21.02 35.81
CA TRP A 109 7.95 -20.97 34.57
C TRP A 109 7.67 -22.37 34.04
N GLY A 110 6.80 -22.42 33.02
CA GLY A 110 6.46 -23.65 32.35
C GLY A 110 7.19 -23.81 31.02
N GLN A 111 6.93 -24.94 30.37
CA GLN A 111 7.56 -25.20 29.08
C GLN A 111 6.97 -24.32 27.97
N GLY A 112 5.70 -23.97 28.07
CA GLY A 112 5.06 -23.20 27.00
C GLY A 112 4.32 -24.08 26.00
N THR A 113 3.23 -23.53 25.48
CA THR A 113 2.39 -24.22 24.50
C THR A 113 2.22 -23.34 23.29
N THR A 114 2.47 -23.90 22.11
CA THR A 114 2.22 -23.20 20.85
C THR A 114 0.81 -23.53 20.38
N VAL A 115 0.02 -22.49 20.08
CA VAL A 115 -1.32 -22.65 19.52
C VAL A 115 -1.34 -22.02 18.15
N THR A 116 -1.94 -22.70 17.19
CA THR A 116 -2.05 -22.23 15.82
C THR A 116 -3.50 -22.25 15.38
N VAL A 117 -3.97 -21.13 14.84
CA VAL A 117 -5.33 -20.94 14.34
C VAL A 117 -5.20 -20.48 12.90
N SER A 118 -5.83 -21.21 11.97
CA SER A 118 -5.52 -20.97 10.57
C SER A 118 -6.67 -21.14 9.58
N SER A 119 -7.61 -22.03 9.87
CA SER A 119 -8.65 -22.42 8.91
C SER A 119 -8.03 -23.04 7.67
N ALA A 120 -6.87 -23.65 7.86
CA ALA A 120 -6.11 -24.31 6.81
C ALA A 120 -5.87 -25.76 7.23
N SER A 121 -5.66 -26.63 6.26
CA SER A 121 -5.50 -28.05 6.56
C SER A 121 -4.03 -28.45 6.56
N THR A 122 -3.76 -29.58 7.20
CA THR A 122 -2.39 -30.09 7.28
C THR A 122 -1.99 -30.70 5.95
N LYS A 123 -0.86 -30.24 5.40
CA LYS A 123 -0.40 -30.73 4.11
C LYS A 123 1.12 -30.79 4.11
N GLY A 124 1.66 -31.79 3.43
CA GLY A 124 3.08 -32.03 3.36
C GLY A 124 3.81 -31.05 2.46
N PRO A 125 5.06 -30.74 2.82
CA PRO A 125 5.82 -29.73 2.08
C PRO A 125 6.31 -30.25 0.73
N SER A 126 6.78 -29.31 -0.07
CA SER A 126 7.41 -29.59 -1.35
C SER A 126 8.80 -28.99 -1.34
N VAL A 127 9.81 -29.81 -1.62
CA VAL A 127 11.20 -29.37 -1.57
C VAL A 127 11.70 -29.11 -2.98
N PHE A 128 12.58 -28.12 -3.11
CA PHE A 128 13.15 -27.72 -4.37
C PHE A 128 14.62 -27.40 -4.16
N PRO A 129 15.47 -27.64 -5.16
CA PRO A 129 16.90 -27.39 -4.98
C PRO A 129 17.25 -25.92 -5.21
N LEU A 130 18.35 -25.52 -4.57
CA LEU A 130 18.94 -24.19 -4.79
C LEU A 130 20.39 -24.43 -5.19
N ALA A 131 20.62 -24.64 -6.49
CA ALA A 131 21.91 -24.95 -7.05
C ALA A 131 22.56 -23.72 -7.66
N PRO A 132 23.91 -23.66 -7.70
CA PRO A 132 24.63 -22.56 -8.34
C PRO A 132 25.08 -22.91 -9.75
N GLY A 139 34.37 -16.35 -5.45
CA GLY A 139 35.69 -16.57 -4.87
C GLY A 139 35.78 -17.82 -4.03
N GLY A 140 35.42 -18.97 -4.58
CA GLY A 140 35.51 -20.22 -3.82
C GLY A 140 34.49 -20.29 -2.71
N THR A 141 33.29 -19.75 -2.94
CA THR A 141 32.22 -19.79 -1.94
C THR A 141 30.93 -20.10 -2.70
N ALA A 142 30.75 -21.37 -3.03
CA ALA A 142 29.54 -21.80 -3.74
C ALA A 142 28.45 -22.06 -2.72
N ALA A 143 27.28 -21.48 -2.96
CA ALA A 143 26.16 -21.61 -2.03
C ALA A 143 25.18 -22.65 -2.55
N LEU A 144 24.70 -23.48 -1.63
CA LEU A 144 23.70 -24.51 -1.90
C LEU A 144 22.52 -24.27 -0.98
N GLY A 145 21.42 -24.96 -1.25
CA GLY A 145 20.27 -24.79 -0.39
C GLY A 145 19.13 -25.71 -0.78
N CYS A 146 18.12 -25.69 0.08
CA CYS A 146 16.86 -26.38 -0.15
C CYS A 146 15.72 -25.43 0.18
N LEU A 147 14.73 -25.37 -0.69
CA LEU A 147 13.55 -24.55 -0.47
C LEU A 147 12.41 -25.48 -0.12
N VAL A 148 11.90 -25.36 1.10
CA VAL A 148 10.77 -26.15 1.57
C VAL A 148 9.56 -25.25 1.51
N LYS A 149 8.56 -25.63 0.72
CA LYS A 149 7.50 -24.70 0.35
C LYS A 149 6.13 -25.31 0.64
N ASP A 150 5.23 -24.46 1.12
CA ASP A 150 3.81 -24.76 1.25
C ASP A 150 3.58 -26.00 2.15
N TYR A 151 3.86 -25.80 3.43
CA TYR A 151 3.57 -26.83 4.43
C TYR A 151 2.78 -26.23 5.59
N PHE A 152 2.08 -27.11 6.29
CA PHE A 152 1.28 -26.75 7.45
C PHE A 152 0.93 -28.02 8.22
N PRO A 153 0.96 -27.99 9.57
CA PRO A 153 1.41 -26.81 10.33
C PRO A 153 2.90 -26.84 10.61
N GLU A 154 3.36 -25.93 11.46
CA GLU A 154 4.73 -25.94 11.90
C GLU A 154 4.96 -27.09 12.88
N PRO A 155 6.22 -27.51 13.06
CA PRO A 155 7.41 -27.08 12.33
C PRO A 155 8.02 -28.19 11.46
N VAL A 156 9.06 -27.86 10.71
CA VAL A 156 9.85 -28.84 10.00
C VAL A 156 11.25 -28.83 10.59
N THR A 157 11.93 -29.96 10.44
CA THR A 157 13.33 -30.10 10.85
C THR A 157 14.14 -30.50 9.63
N VAL A 158 15.07 -29.65 9.27
CA VAL A 158 15.91 -29.86 8.15
C VAL A 158 17.34 -29.91 8.57
N SER A 159 18.02 -30.96 8.18
CA SER A 159 19.42 -31.18 8.42
C SER A 159 20.11 -31.47 7.12
N TRP A 160 21.41 -31.37 7.11
CA TRP A 160 22.17 -31.62 5.92
C TRP A 160 23.05 -32.82 5.91
N ASN A 161 22.97 -33.50 4.81
CA ASN A 161 23.77 -34.60 4.46
C ASN A 161 23.78 -35.61 5.48
N SER A 162 22.65 -35.87 6.04
CA SER A 162 22.52 -36.80 7.16
C SER A 162 23.06 -36.33 8.49
N GLY A 163 23.34 -35.06 8.58
CA GLY A 163 23.81 -34.47 9.77
C GLY A 163 25.29 -34.42 9.90
N ALA A 164 25.99 -35.04 8.99
CA ALA A 164 27.41 -35.04 9.05
C ALA A 164 27.92 -33.68 8.91
N LEU A 165 27.41 -32.90 7.99
CA LEU A 165 27.91 -31.57 7.69
C LEU A 165 27.15 -30.54 8.53
N THR A 166 27.90 -29.66 9.19
CA THR A 166 27.30 -28.63 10.03
C THR A 166 27.85 -27.24 9.73
N SER A 167 29.13 -27.18 9.35
CA SER A 167 29.76 -25.88 9.14
C SER A 167 29.09 -25.12 8.00
N GLY A 168 28.69 -23.89 8.29
CA GLY A 168 28.15 -23.02 7.27
C GLY A 168 26.70 -23.26 6.88
N VAL A 169 25.95 -24.05 7.64
CA VAL A 169 24.55 -24.31 7.32
C VAL A 169 23.68 -23.30 8.04
N HIS A 170 22.73 -22.70 7.31
CA HIS A 170 21.79 -21.78 7.91
C HIS A 170 20.39 -22.24 7.54
N THR A 171 19.53 -22.36 8.55
CA THR A 171 18.12 -22.67 8.35
C THR A 171 17.30 -21.50 8.87
N PHE A 172 16.62 -20.81 7.96
CA PHE A 172 15.88 -19.62 8.34
C PHE A 172 14.55 -19.99 8.99
N PRO A 173 14.01 -19.10 9.81
CA PRO A 173 12.68 -19.35 10.40
C PRO A 173 11.63 -19.43 9.31
N ALA A 174 10.52 -20.09 9.64
CA ALA A 174 9.42 -20.17 8.69
C ALA A 174 8.79 -18.80 8.49
N VAL A 175 8.20 -18.61 7.31
CA VAL A 175 7.49 -17.40 6.96
C VAL A 175 6.11 -17.82 6.47
N LEU A 176 5.06 -17.30 7.11
CA LEU A 176 3.70 -17.60 6.68
C LEU A 176 3.37 -16.76 5.46
N GLN A 177 2.96 -17.42 4.38
CA GLN A 177 2.79 -16.78 3.08
C GLN A 177 1.33 -16.41 2.85
N SER A 178 1.03 -15.95 1.63
CA SER A 178 -0.32 -15.53 1.28
C SER A 178 -1.32 -16.66 1.46
N SER A 179 -0.99 -17.85 0.98
CA SER A 179 -1.90 -18.99 1.02
C SER A 179 -2.16 -19.51 2.42
N GLY A 180 -1.53 -18.93 3.44
CA GLY A 180 -1.71 -19.41 4.79
C GLY A 180 -0.88 -20.62 5.15
N LEU A 181 0.12 -20.95 4.35
CA LEU A 181 1.07 -22.02 4.64
C LEU A 181 2.45 -21.42 4.80
N TYR A 182 3.36 -22.23 5.35
CA TYR A 182 4.69 -21.76 5.68
C TYR A 182 5.68 -22.20 4.62
N SER A 183 6.88 -21.62 4.68
CA SER A 183 7.99 -22.05 3.85
C SER A 183 9.26 -21.48 4.47
N LEU A 184 10.34 -22.24 4.30
CA LEU A 184 11.64 -21.82 4.80
C LEU A 184 12.70 -22.41 3.90
N SER A 185 13.91 -21.91 4.05
CA SER A 185 15.02 -22.31 3.21
C SER A 185 16.25 -22.57 4.07
N SER A 186 16.96 -23.64 3.76
CA SER A 186 18.24 -23.94 4.36
C SER A 186 19.34 -23.70 3.32
N VAL A 187 20.50 -23.26 3.77
CA VAL A 187 21.60 -22.91 2.88
C VAL A 187 22.92 -23.30 3.53
N VAL A 188 23.87 -23.71 2.70
CA VAL A 188 25.21 -24.01 3.16
C VAL A 188 26.20 -23.60 2.08
N THR A 189 27.27 -22.92 2.48
CA THR A 189 28.33 -22.50 1.58
C THR A 189 29.47 -23.51 1.59
N VAL A 190 29.97 -23.83 0.40
CA VAL A 190 31.03 -24.82 0.23
C VAL A 190 32.03 -24.31 -0.78
N PRO A 191 33.29 -24.68 -0.65
CA PRO A 191 34.29 -24.28 -1.64
C PRO A 191 33.93 -24.81 -3.02
N SER A 192 34.22 -24.00 -4.04
CA SER A 192 33.90 -24.36 -5.41
C SER A 192 34.59 -25.65 -5.83
N SER A 193 35.72 -25.97 -5.19
CA SER A 193 36.47 -27.15 -5.61
C SER A 193 35.66 -28.42 -5.46
N SER A 194 34.70 -28.45 -4.55
CA SER A 194 33.80 -29.59 -4.42
C SER A 194 32.45 -29.21 -5.03
N LEU A 195 32.23 -29.62 -6.28
CA LEU A 195 30.98 -29.32 -6.97
C LEU A 195 30.80 -30.37 -8.03
N GLY A 196 30.64 -31.61 -7.57
CA GLY A 196 30.45 -32.77 -8.42
C GLY A 196 31.02 -33.95 -7.68
N THR A 197 32.14 -33.70 -7.01
CA THR A 197 32.82 -34.76 -6.26
C THR A 197 32.00 -35.21 -5.06
N GLN A 198 31.38 -34.28 -4.35
CA GLN A 198 30.75 -34.57 -3.07
C GLN A 198 29.25 -34.37 -3.18
N THR A 199 28.47 -35.24 -2.52
CA THR A 199 27.01 -35.25 -2.61
C THR A 199 26.36 -34.46 -1.48
N TYR A 200 25.34 -33.69 -1.83
CA TYR A 200 24.64 -32.86 -0.85
C TYR A 200 23.15 -33.24 -0.83
N ILE A 201 22.70 -33.72 0.33
CA ILE A 201 21.33 -34.16 0.53
C ILE A 201 20.78 -33.44 1.76
N CYS A 202 19.62 -32.80 1.61
CA CYS A 202 18.94 -32.18 2.73
C CYS A 202 17.75 -33.04 3.16
N ASN A 203 17.68 -33.33 4.44
CA ASN A 203 16.70 -34.26 5.00
C ASN A 203 15.68 -33.44 5.77
N VAL A 204 14.58 -33.13 5.14
CA VAL A 204 13.52 -32.37 5.79
C VAL A 204 12.56 -33.37 6.41
N ASN A 205 11.99 -32.98 7.54
CA ASN A 205 11.06 -33.83 8.26
C ASN A 205 9.91 -32.98 8.75
N HIS A 206 8.69 -33.37 8.40
CA HIS A 206 7.48 -32.67 8.81
C HIS A 206 6.60 -33.69 9.51
N LYS A 207 6.68 -33.72 10.84
CA LYS A 207 5.99 -34.75 11.60
C LYS A 207 4.46 -34.68 11.51
N PRO A 208 3.81 -33.51 11.43
CA PRO A 208 2.33 -33.54 11.33
C PRO A 208 1.82 -34.22 10.07
N SER A 209 2.53 -34.10 8.96
CA SER A 209 2.18 -34.80 7.73
C SER A 209 2.86 -36.16 7.60
N ASN A 210 3.76 -36.50 8.52
CA ASN A 210 4.49 -37.77 8.51
C ASN A 210 5.25 -37.97 7.21
N THR A 211 5.93 -36.91 6.75
CA THR A 211 6.67 -36.93 5.49
C THR A 211 8.15 -36.74 5.78
N LYS A 212 8.98 -37.58 5.17
CA LYS A 212 10.43 -37.47 5.26
C LYS A 212 10.98 -37.45 3.85
N VAL A 213 11.61 -36.34 3.48
CA VAL A 213 12.08 -36.13 2.11
C VAL A 213 13.57 -35.82 2.14
N ASP A 214 14.31 -36.46 1.25
CA ASP A 214 15.73 -36.21 1.07
C ASP A 214 15.94 -35.69 -0.35
N LYS A 215 16.55 -34.52 -0.47
CA LYS A 215 16.70 -33.85 -1.76
C LYS A 215 18.18 -33.71 -2.05
N LYS A 216 18.61 -34.23 -3.20
CA LYS A 216 20.00 -34.10 -3.63
C LYS A 216 20.08 -32.87 -4.51
N VAL A 217 20.88 -31.89 -4.09
CA VAL A 217 21.04 -30.65 -4.82
C VAL A 217 22.27 -30.72 -5.69
N GLU A 218 22.14 -30.28 -6.95
CA GLU A 218 23.23 -30.33 -7.88
C GLU A 218 23.04 -29.25 -8.94
N PRO A 219 24.11 -28.58 -9.35
CA PRO A 219 24.00 -27.57 -10.41
C PRO A 219 24.00 -28.20 -11.79
N LYS A 220 23.40 -27.46 -12.74
CA LYS A 220 23.53 -27.71 -14.16
C LYS A 220 22.86 -26.59 -14.94
N ASP B 1 -3.28 1.83 33.36
CA ASP B 1 -2.34 0.99 34.09
C ASP B 1 -0.93 1.52 34.02
N ILE B 2 -0.08 1.03 34.92
CA ILE B 2 1.31 1.46 34.94
C ILE B 2 2.03 0.84 33.75
N VAL B 3 2.61 1.69 32.91
CA VAL B 3 3.26 1.28 31.66
C VAL B 3 4.76 1.45 31.82
N MET B 4 5.52 0.43 31.43
CA MET B 4 6.97 0.43 31.55
C MET B 4 7.59 0.47 30.16
N THR B 5 8.57 1.36 29.99
CA THR B 5 9.27 1.54 28.72
C THR B 5 10.77 1.33 28.95
N GLN B 6 11.31 0.31 28.29
CA GLN B 6 12.74 0.06 28.36
C GLN B 6 13.48 0.98 27.38
N SER B 7 14.67 1.43 27.79
CA SER B 7 15.31 2.54 27.07
C SER B 7 15.78 2.17 25.67
N PRO B 8 16.60 1.12 25.46
CA PRO B 8 17.07 0.85 24.09
C PRO B 8 16.25 -0.19 23.35
N ASP B 9 15.63 0.18 22.22
CA ASP B 9 14.95 -0.82 21.41
C ASP B 9 15.93 -1.90 20.97
N SER B 10 17.04 -1.47 20.37
CA SER B 10 18.13 -2.37 20.00
C SER B 10 19.42 -1.84 20.64
N LEU B 11 20.22 -2.75 21.20
CA LEU B 11 21.46 -2.34 21.86
C LEU B 11 22.55 -3.35 21.50
N ALA B 12 23.64 -2.85 20.91
CA ALA B 12 24.77 -3.67 20.47
C ALA B 12 26.04 -3.21 21.17
N VAL B 13 26.69 -4.12 21.89
CA VAL B 13 27.89 -3.81 22.65
C VAL B 13 28.91 -4.91 22.40
N SER B 14 30.20 -4.54 22.46
CA SER B 14 31.27 -5.48 22.21
C SER B 14 31.39 -6.50 23.34
N LEU B 15 32.27 -7.47 23.13
CA LEU B 15 32.51 -8.53 24.12
C LEU B 15 33.34 -7.98 25.28
N GLY B 16 32.86 -8.20 26.50
CA GLY B 16 33.56 -7.76 27.69
C GLY B 16 33.30 -6.32 28.08
N GLU B 17 32.48 -5.60 27.32
CA GLU B 17 32.07 -4.24 27.66
C GLU B 17 30.70 -4.23 28.32
N ARG B 18 30.46 -3.18 29.10
CA ARG B 18 29.26 -3.10 29.93
C ARG B 18 28.08 -2.61 29.09
N ALA B 19 26.89 -3.07 29.47
CA ALA B 19 25.65 -2.67 28.80
C ALA B 19 24.71 -2.07 29.83
N THR B 20 23.80 -1.23 29.34
CA THR B 20 22.90 -0.49 30.22
C THR B 20 21.48 -0.55 29.67
N ILE B 21 20.54 -0.98 30.52
CA ILE B 21 19.12 -0.99 30.20
C ILE B 21 18.40 -0.26 31.33
N ASN B 22 17.37 0.50 30.99
CA ASN B 22 16.64 1.27 31.98
C ASN B 22 15.14 1.07 31.77
N CYS B 23 14.39 1.16 32.87
CA CYS B 23 12.93 1.08 32.82
C CYS B 23 12.35 2.30 33.52
N LYS B 24 11.16 2.70 33.07
CA LYS B 24 10.50 3.89 33.58
C LYS B 24 9.04 3.60 33.83
N SER B 25 8.48 4.29 34.82
CA SER B 25 7.14 3.98 35.30
C SER B 25 6.34 5.26 35.51
N SER B 26 5.10 5.27 35.01
CA SER B 26 4.20 6.39 35.24
C SER B 26 3.79 6.51 36.71
N GLN B 27 3.97 5.45 37.49
CA GLN B 27 3.70 5.48 38.92
C GLN B 27 4.97 5.03 39.65
N SER B 28 4.88 4.94 40.97
CA SER B 28 5.99 4.50 41.80
C SER B 28 5.80 3.05 42.20
N VAL B 29 6.87 2.27 42.14
CA VAL B 29 6.84 0.87 42.54
C VAL B 29 7.52 0.66 43.89
N LEU B 30 7.67 1.72 44.67
CA LEU B 30 8.36 1.66 45.96
C LEU B 30 7.33 1.77 47.07
N TYR B 31 7.29 0.81 47.98
CA TYR B 31 6.40 0.92 49.12
C TYR B 31 7.34 1.49 50.08
N SER B 32 7.03 2.66 50.58
CA SER B 32 7.94 3.34 51.46
C SER B 32 8.28 2.59 52.72
N SER B 33 7.35 1.84 53.27
CA SER B 33 7.61 1.18 54.50
C SER B 33 8.78 0.26 54.50
N ILE B 34 8.89 -0.69 53.59
CA ILE B 34 10.03 -1.60 53.65
C ILE B 34 11.19 -1.27 52.74
N ASN B 35 11.00 -0.19 52.03
CA ASN B 35 11.94 0.38 51.13
C ASN B 35 12.29 -0.56 50.01
N LYS B 36 11.41 -1.51 49.73
CA LYS B 36 11.71 -2.45 48.67
C LYS B 36 10.84 -2.26 47.46
N ASN B 37 11.48 -2.11 46.32
CA ASN B 37 10.78 -1.90 45.06
C ASN B 37 10.30 -3.22 44.47
N TYR B 38 9.17 -3.18 43.77
CA TYR B 38 8.54 -4.39 43.21
C TYR B 38 8.72 -4.45 41.70
N LEU B 39 9.98 -4.58 41.26
CA LEU B 39 10.30 -4.69 39.84
C LEU B 39 11.27 -5.83 39.61
N ALA B 40 10.95 -6.69 38.64
CA ALA B 40 11.78 -7.83 38.31
C ALA B 40 12.28 -7.74 36.87
N TRP B 41 13.39 -8.42 36.61
CA TRP B 41 13.97 -8.54 35.28
C TRP B 41 14.02 -10.01 34.88
N TYR B 42 13.67 -10.28 33.63
CA TYR B 42 13.71 -11.63 33.08
C TYR B 42 14.62 -11.64 31.87
N GLN B 43 15.18 -12.80 31.56
CA GLN B 43 15.92 -12.98 30.32
C GLN B 43 15.31 -14.12 29.53
N GLN B 44 15.31 -13.97 28.21
CA GLN B 44 14.78 -15.02 27.34
C GLN B 44 15.64 -15.11 26.09
N LYS B 45 16.00 -16.33 25.73
CA LYS B 45 16.74 -16.59 24.51
C LYS B 45 15.80 -17.17 23.47
N PRO B 46 16.17 -17.08 22.19
CA PRO B 46 15.26 -17.59 21.14
C PRO B 46 14.92 -19.06 21.35
N GLY B 47 13.62 -19.35 21.34
CA GLY B 47 13.15 -20.71 21.50
C GLY B 47 13.25 -21.27 22.91
N GLN B 48 13.08 -20.44 23.91
CA GLN B 48 13.07 -20.94 25.26
C GLN B 48 12.35 -20.06 26.26
N PRO B 49 11.68 -20.64 27.22
CA PRO B 49 10.87 -19.83 28.14
C PRO B 49 11.74 -18.85 28.88
N PRO B 50 11.17 -17.72 29.34
CA PRO B 50 11.97 -16.70 30.03
C PRO B 50 12.40 -17.16 31.41
N LYS B 51 13.61 -16.74 31.79
CA LYS B 51 14.18 -17.06 33.09
C LYS B 51 14.33 -15.79 33.92
N LEU B 52 13.98 -15.82 35.19
CA LEU B 52 14.09 -14.66 36.03
C LEU B 52 15.46 -14.33 36.37
N LEU B 53 15.81 -13.06 36.34
CA LEU B 53 17.18 -12.62 36.65
C LEU B 53 17.37 -11.66 37.85
N ILE B 54 16.30 -11.05 38.34
CA ILE B 54 16.41 -10.15 39.43
C ILE B 54 15.12 -9.87 40.08
N TYR B 55 15.10 -9.92 41.39
CA TYR B 55 13.92 -9.47 42.08
C TYR B 55 14.20 -8.36 43.04
N TRP B 56 13.28 -7.41 43.08
CA TRP B 56 13.27 -6.20 43.89
C TRP B 56 14.26 -5.18 43.49
N ALA B 57 14.72 -5.28 42.28
CA ALA B 57 15.69 -4.45 41.56
C ALA B 57 17.12 -4.66 41.87
N SER B 58 17.46 -5.54 42.79
CA SER B 58 18.85 -5.78 43.04
C SER B 58 19.29 -7.15 43.42
N THR B 59 18.38 -8.00 43.77
CA THR B 59 18.61 -9.36 44.25
C THR B 59 18.56 -10.35 43.10
N ARG B 60 19.57 -11.20 43.02
CA ARG B 60 19.73 -12.18 41.96
C ARG B 60 19.05 -13.48 42.37
N GLU B 61 19.17 -14.50 41.51
CA GLU B 61 18.61 -15.80 41.81
C GLU B 61 19.73 -16.84 41.86
N SER B 62 19.34 -18.11 41.88
CA SER B 62 20.30 -19.15 42.23
C SER B 62 21.33 -19.40 41.13
N GLY B 63 20.96 -19.15 39.88
CA GLY B 63 21.82 -19.44 38.75
C GLY B 63 22.45 -18.21 38.15
N VAL B 64 22.08 -17.03 38.64
CA VAL B 64 22.46 -15.77 38.01
C VAL B 64 23.87 -15.41 38.45
N PRO B 65 24.80 -15.21 37.52
CA PRO B 65 26.19 -14.90 37.90
C PRO B 65 26.31 -13.52 38.52
N ASP B 66 27.42 -13.32 39.22
CA ASP B 66 27.68 -12.02 39.85
C ASP B 66 27.96 -10.91 38.86
N ARG B 67 28.01 -11.21 37.56
CA ARG B 67 28.25 -10.20 36.54
C ARG B 67 27.03 -9.34 36.27
N PHE B 68 25.84 -9.79 36.67
CA PHE B 68 24.60 -9.07 36.45
C PHE B 68 24.20 -8.37 37.75
N SER B 69 24.07 -7.04 37.72
CA SER B 69 23.81 -6.23 38.90
C SER B 69 22.67 -5.25 38.62
N GLY B 70 21.60 -5.36 39.40
CA GLY B 70 20.50 -4.41 39.28
C GLY B 70 20.75 -3.11 40.03
N SER B 71 19.96 -2.11 39.72
CA SER B 71 20.12 -0.82 40.27
C SER B 71 18.93 0.04 40.07
N GLY B 72 19.04 1.22 40.61
CA GLY B 72 18.03 2.25 40.57
C GLY B 72 16.98 2.13 41.64
N SER B 73 16.16 3.15 41.76
CA SER B 73 15.05 3.11 42.68
C SER B 73 14.00 4.09 42.26
N GLY B 74 12.82 3.89 42.79
CA GLY B 74 11.74 4.76 42.47
C GLY B 74 11.28 4.56 41.07
N THR B 75 11.64 5.47 40.21
CA THR B 75 11.19 5.39 38.86
C THR B 75 12.25 5.23 37.76
N ASP B 76 13.50 5.02 38.11
CA ASP B 76 14.48 4.75 37.12
C ASP B 76 15.19 3.56 37.62
N PHE B 77 15.27 2.50 36.86
CA PHE B 77 15.99 1.29 37.27
C PHE B 77 16.96 0.92 36.17
N THR B 78 18.06 0.29 36.56
CA THR B 78 19.12 -0.03 35.61
C THR B 78 19.59 -1.46 35.80
N LEU B 79 19.62 -2.21 34.71
CA LEU B 79 20.26 -3.52 34.67
C LEU B 79 21.63 -3.32 34.05
N THR B 80 22.67 -3.62 34.81
CA THR B 80 24.04 -3.40 34.40
C THR B 80 24.77 -4.74 34.39
N ILE B 81 25.46 -5.01 33.28
CA ILE B 81 26.27 -6.21 33.14
C ILE B 81 27.73 -5.77 33.12
N SER B 82 28.55 -6.41 33.96
CA SER B 82 29.93 -5.96 34.15
C SER B 82 30.78 -6.30 32.94
N SER B 83 30.61 -7.50 32.38
CA SER B 83 31.39 -7.93 31.23
C SER B 83 30.51 -8.85 30.39
N LEU B 84 30.08 -8.35 29.23
CA LEU B 84 29.20 -9.12 28.36
C LEU B 84 29.95 -10.33 27.81
N GLN B 85 29.42 -11.52 28.07
CA GLN B 85 29.98 -12.75 27.52
C GLN B 85 29.08 -13.27 26.41
N ALA B 86 29.60 -14.26 25.68
CA ALA B 86 28.91 -14.73 24.47
C ALA B 86 27.57 -15.38 24.77
N GLU B 87 27.44 -16.06 25.92
CA GLU B 87 26.20 -16.77 26.20
C GLU B 87 25.06 -15.86 26.65
N ASP B 88 25.33 -14.58 26.91
CA ASP B 88 24.35 -13.67 27.47
C ASP B 88 23.50 -12.96 26.40
N VAL B 89 23.67 -13.31 25.13
CA VAL B 89 22.90 -12.69 24.05
C VAL B 89 21.45 -13.16 24.17
N ALA B 90 20.54 -12.25 24.51
CA ALA B 90 19.14 -12.57 24.74
C ALA B 90 18.35 -11.27 24.74
N VAL B 91 17.04 -11.40 24.94
CA VAL B 91 16.15 -10.25 25.08
C VAL B 91 15.68 -10.19 26.53
N TYR B 92 15.76 -9.00 27.10
CA TYR B 92 15.47 -8.78 28.51
C TYR B 92 14.20 -7.96 28.69
N TYR B 93 13.41 -8.32 29.69
CA TYR B 93 12.17 -7.63 29.99
C TYR B 93 12.20 -7.18 31.46
N CYS B 94 11.34 -6.22 31.78
CA CYS B 94 11.18 -5.77 33.16
C CYS B 94 9.69 -5.65 33.44
N GLN B 95 9.24 -6.26 34.52
CA GLN B 95 7.83 -6.19 34.88
C GLN B 95 7.71 -5.66 36.30
N GLN B 96 6.48 -5.46 36.73
CA GLN B 96 6.15 -4.96 38.06
C GLN B 96 5.19 -5.94 38.72
N TYR B 97 5.48 -6.27 39.97
CA TYR B 97 4.58 -7.07 40.79
C TYR B 97 4.03 -6.25 41.94
N TYR B 98 3.89 -4.94 41.72
CA TYR B 98 3.36 -4.02 42.72
C TYR B 98 1.84 -4.05 42.74
N SER B 99 1.23 -3.35 41.80
CA SER B 99 -0.22 -3.23 41.72
C SER B 99 -0.71 -3.97 40.48
N THR B 100 -1.63 -4.91 40.69
CA THR B 100 -2.24 -5.58 39.55
C THR B 100 -3.19 -4.60 38.85
N PRO B 101 -3.29 -4.67 37.51
CA PRO B 101 -2.62 -5.64 36.63
C PRO B 101 -1.13 -5.38 36.42
N TYR B 102 -0.39 -6.45 36.14
CA TYR B 102 1.05 -6.39 35.92
C TYR B 102 1.37 -6.22 34.43
N THR B 103 2.47 -5.51 34.17
CA THR B 103 2.87 -5.14 32.82
C THR B 103 4.33 -5.50 32.58
N PHE B 104 4.64 -5.88 31.34
CA PHE B 104 6.00 -6.19 30.93
C PHE B 104 6.59 -5.02 30.13
N GLY B 105 7.90 -5.10 29.89
CA GLY B 105 8.57 -4.12 29.06
C GLY B 105 8.50 -4.42 27.57
N GLN B 106 9.05 -3.48 26.79
CA GLN B 106 9.03 -3.61 25.34
C GLN B 106 9.95 -4.73 24.88
N GLY B 107 11.18 -4.77 25.40
CA GLY B 107 12.15 -5.77 25.03
C GLY B 107 13.45 -5.08 24.66
N THR B 108 14.56 -5.77 24.94
CA THR B 108 15.89 -5.24 24.63
C THR B 108 16.78 -6.39 24.18
N LYS B 109 16.97 -6.53 22.87
CA LYS B 109 17.89 -7.51 22.34
C LYS B 109 19.31 -6.99 22.48
N VAL B 110 20.25 -7.87 22.78
CA VAL B 110 21.64 -7.49 22.92
C VAL B 110 22.46 -8.20 21.85
N GLU B 111 22.98 -7.43 20.91
CA GLU B 111 23.90 -7.92 19.91
C GLU B 111 25.32 -7.87 20.46
N ILE B 112 26.25 -8.44 19.72
CA ILE B 112 27.67 -8.39 20.04
C ILE B 112 28.35 -7.54 18.97
N LYS B 113 28.90 -6.41 19.38
CA LYS B 113 29.52 -5.51 18.41
C LYS B 113 30.76 -6.15 17.81
N ARG B 114 30.98 -5.86 16.53
CA ARG B 114 32.03 -6.49 15.75
C ARG B 114 32.33 -5.60 14.57
N THR B 115 33.51 -5.79 13.99
CA THR B 115 33.88 -5.05 12.79
C THR B 115 32.85 -5.29 11.69
N VAL B 116 32.41 -4.19 11.07
CA VAL B 116 31.34 -4.25 10.09
C VAL B 116 31.72 -5.24 8.99
N ALA B 117 30.80 -6.14 8.66
CA ALA B 117 31.04 -7.18 7.68
C ALA B 117 30.08 -7.03 6.52
N ALA B 118 30.58 -7.21 5.31
CA ALA B 118 29.83 -7.07 4.08
C ALA B 118 29.20 -8.41 3.70
N PRO B 119 27.95 -8.40 3.23
CA PRO B 119 27.27 -9.65 2.93
C PRO B 119 27.85 -10.33 1.70
N SER B 120 27.89 -11.66 1.75
CA SER B 120 28.21 -12.46 0.57
C SER B 120 26.88 -12.75 -0.11
N VAL B 121 26.63 -12.08 -1.20
CA VAL B 121 25.34 -12.12 -1.88
C VAL B 121 25.36 -13.26 -2.88
N PHE B 122 24.27 -14.03 -2.92
CA PHE B 122 24.10 -15.07 -3.92
C PHE B 122 22.68 -15.00 -4.48
N ILE B 123 22.53 -15.41 -5.73
CA ILE B 123 21.25 -15.40 -6.42
C ILE B 123 20.93 -16.82 -6.89
N PHE B 124 19.69 -17.24 -6.68
CA PHE B 124 19.25 -18.60 -7.01
C PHE B 124 18.04 -18.58 -7.93
N PRO B 125 18.14 -19.13 -9.13
CA PRO B 125 16.99 -19.19 -10.03
C PRO B 125 16.02 -20.27 -9.59
N PRO B 126 14.75 -20.16 -9.95
CA PRO B 126 13.78 -21.19 -9.56
C PRO B 126 14.04 -22.53 -10.23
N SER B 127 13.66 -23.59 -9.53
CA SER B 127 13.87 -24.95 -10.00
C SER B 127 12.85 -25.33 -11.07
N ASP B 128 13.25 -26.24 -11.96
CA ASP B 128 12.33 -26.74 -12.98
C ASP B 128 11.22 -27.60 -12.37
N GLU B 129 11.48 -28.28 -11.26
CA GLU B 129 10.42 -29.05 -10.61
C GLU B 129 9.34 -28.13 -10.06
N GLN B 130 9.70 -26.90 -9.71
CA GLN B 130 8.72 -25.94 -9.20
C GLN B 130 7.92 -25.32 -10.34
N LEU B 131 8.52 -25.19 -11.53
CA LEU B 131 7.79 -24.65 -12.66
C LEU B 131 6.67 -25.59 -13.09
N LYS B 132 6.92 -26.90 -13.03
CA LYS B 132 5.88 -27.87 -13.33
C LYS B 132 4.76 -27.82 -12.31
N SER B 133 5.02 -27.27 -11.12
CA SER B 133 3.97 -27.11 -10.12
C SER B 133 3.03 -25.96 -10.48
N GLY B 134 3.57 -24.90 -11.07
CA GLY B 134 2.76 -23.77 -11.51
C GLY B 134 3.21 -22.40 -11.05
N THR B 135 4.23 -22.33 -10.19
CA THR B 135 4.71 -21.06 -9.66
C THR B 135 6.23 -21.11 -9.56
N ALA B 136 6.86 -19.96 -9.81
CA ALA B 136 8.31 -19.82 -9.72
C ALA B 136 8.68 -18.91 -8.56
N SER B 137 9.80 -19.21 -7.91
CA SER B 137 10.25 -18.45 -6.74
C SER B 137 11.76 -18.25 -6.84
N VAL B 138 12.18 -17.01 -7.09
CA VAL B 138 13.59 -16.63 -7.12
C VAL B 138 14.03 -16.28 -5.72
N VAL B 139 15.24 -16.72 -5.34
CA VAL B 139 15.76 -16.57 -3.99
C VAL B 139 17.03 -15.73 -4.05
N CYS B 140 17.12 -14.74 -3.18
CA CYS B 140 18.32 -13.92 -3.00
C CYS B 140 18.84 -14.12 -1.59
N LEU B 141 20.12 -14.42 -1.46
CA LEU B 141 20.73 -14.78 -0.18
C LEU B 141 21.85 -13.81 0.18
N LEU B 142 21.86 -13.39 1.44
CA LEU B 142 22.92 -12.55 1.99
C LEU B 142 23.57 -13.33 3.13
N ASN B 143 24.88 -13.52 3.04
CA ASN B 143 25.58 -14.43 3.95
C ASN B 143 26.61 -13.69 4.79
N ASN B 144 26.59 -13.96 6.10
CA ASN B 144 27.62 -13.51 7.03
C ASN B 144 27.92 -12.03 6.91
N PHE B 145 27.01 -11.18 7.41
CA PHE B 145 27.18 -9.74 7.41
C PHE B 145 26.83 -9.16 8.78
N TYR B 146 27.39 -7.97 9.05
CA TYR B 146 27.10 -7.19 10.24
C TYR B 146 27.24 -5.73 9.82
N PRO B 147 26.33 -4.83 10.24
CA PRO B 147 25.22 -5.08 11.16
C PRO B 147 24.04 -5.81 10.53
N ARG B 148 23.02 -6.05 11.35
CA ARG B 148 21.84 -6.78 10.88
C ARG B 148 21.02 -5.96 9.89
N GLU B 149 21.05 -4.64 10.01
CA GLU B 149 20.16 -3.80 9.20
C GLU B 149 20.70 -3.73 7.77
N ALA B 150 20.04 -4.45 6.88
CA ALA B 150 20.32 -4.42 5.45
C ALA B 150 18.98 -4.48 4.70
N LYS B 151 19.00 -4.10 3.43
CA LYS B 151 17.78 -4.12 2.63
C LYS B 151 18.07 -4.54 1.21
N VAL B 152 17.14 -5.32 0.65
CA VAL B 152 17.22 -5.89 -0.68
C VAL B 152 15.99 -5.45 -1.47
N GLN B 153 16.18 -5.24 -2.77
CA GLN B 153 15.10 -4.80 -3.63
C GLN B 153 15.13 -5.62 -4.91
N TRP B 154 13.94 -6.03 -5.36
CA TRP B 154 13.79 -6.90 -6.51
C TRP B 154 13.47 -6.09 -7.76
N LYS B 155 14.05 -6.51 -8.88
CA LYS B 155 13.82 -5.87 -10.17
C LYS B 155 13.61 -6.95 -11.22
N VAL B 156 12.48 -6.89 -11.91
CA VAL B 156 12.19 -7.78 -13.03
C VAL B 156 12.26 -6.90 -14.27
N ASP B 157 13.27 -7.15 -15.11
CA ASP B 157 13.57 -6.28 -16.25
C ASP B 157 13.72 -4.83 -15.78
N ASN B 158 14.37 -4.65 -14.62
CA ASN B 158 14.53 -3.34 -13.99
C ASN B 158 13.19 -2.63 -13.82
N ALA B 159 12.17 -3.40 -13.50
CA ALA B 159 10.90 -2.88 -13.03
C ALA B 159 10.81 -3.22 -11.55
N LEU B 160 10.68 -2.21 -10.71
CA LEU B 160 10.80 -2.42 -9.28
C LEU B 160 9.65 -3.26 -8.76
N GLN B 161 9.99 -4.33 -8.04
CA GLN B 161 9.03 -5.23 -7.43
C GLN B 161 8.96 -4.92 -5.94
N SER B 162 7.74 -4.98 -5.39
CA SER B 162 7.55 -4.72 -3.97
C SER B 162 6.29 -5.43 -3.50
N GLY B 163 6.28 -5.81 -2.23
CA GLY B 163 5.13 -6.49 -1.67
C GLY B 163 4.93 -7.91 -2.13
N ASN B 164 5.81 -8.44 -2.99
CA ASN B 164 5.72 -9.81 -3.47
C ASN B 164 6.76 -10.73 -2.86
N SER B 165 7.84 -10.19 -2.33
CA SER B 165 8.89 -10.96 -1.68
C SER B 165 8.75 -10.90 -0.17
N GLN B 166 9.09 -12.02 0.48
CA GLN B 166 9.06 -12.16 1.92
C GLN B 166 10.47 -12.47 2.41
N GLU B 167 10.87 -11.82 3.49
CA GLU B 167 12.22 -11.93 4.02
C GLU B 167 12.26 -12.82 5.27
N SER B 168 13.48 -13.26 5.58
CA SER B 168 13.71 -14.13 6.73
C SER B 168 15.18 -14.03 7.11
N VAL B 169 15.43 -13.75 8.39
CA VAL B 169 16.78 -13.52 8.90
C VAL B 169 17.08 -14.55 9.99
N THR B 170 18.36 -14.84 10.17
CA THR B 170 18.80 -15.78 11.19
C THR B 170 19.18 -15.02 12.46
N GLU B 171 19.30 -15.78 13.54
CA GLU B 171 19.78 -15.20 14.78
C GLU B 171 21.29 -14.95 14.69
N GLN B 172 21.79 -14.12 15.60
CA GLN B 172 23.21 -13.81 15.63
C GLN B 172 24.01 -15.08 15.82
N ASP B 173 24.90 -15.37 14.86
CA ASP B 173 25.68 -16.60 14.89
C ASP B 173 26.65 -16.59 16.07
N SER B 174 26.57 -17.63 16.90
CA SER B 174 27.34 -17.66 18.15
C SER B 174 28.85 -17.61 17.87
N LYS B 175 29.30 -18.30 16.82
CA LYS B 175 30.73 -18.39 16.57
C LYS B 175 31.31 -17.06 16.10
N ASP B 176 30.81 -16.54 14.98
CA ASP B 176 31.40 -15.36 14.35
C ASP B 176 30.54 -14.10 14.51
N SER B 177 29.46 -14.16 15.27
CA SER B 177 28.62 -13.01 15.58
C SER B 177 28.15 -12.29 14.31
N THR B 178 27.46 -13.03 13.45
CA THR B 178 26.99 -12.49 12.18
C THR B 178 25.61 -13.05 11.87
N TYR B 179 24.95 -12.43 10.90
CA TYR B 179 23.58 -12.78 10.52
C TYR B 179 23.57 -13.32 9.09
N SER B 180 22.37 -13.62 8.60
CA SER B 180 22.17 -14.03 7.22
C SER B 180 20.71 -13.74 6.86
N LEU B 181 20.48 -13.42 5.60
CA LEU B 181 19.17 -12.98 5.13
C LEU B 181 18.79 -13.73 3.87
N SER B 182 17.52 -14.11 3.78
CA SER B 182 16.98 -14.78 2.59
C SER B 182 15.69 -14.05 2.18
N SER B 183 15.65 -13.61 0.93
CA SER B 183 14.47 -12.96 0.36
C SER B 183 13.89 -13.86 -0.71
N THR B 184 12.64 -14.27 -0.54
CA THR B 184 11.97 -15.18 -1.46
C THR B 184 10.93 -14.42 -2.26
N LEU B 185 11.15 -14.31 -3.57
CA LEU B 185 10.20 -13.67 -4.49
C LEU B 185 9.34 -14.76 -5.12
N THR B 186 8.06 -14.82 -4.74
CA THR B 186 7.14 -15.83 -5.23
C THR B 186 6.33 -15.26 -6.39
N LEU B 187 6.37 -15.94 -7.53
CA LEU B 187 5.71 -15.47 -8.74
C LEU B 187 5.08 -16.65 -9.47
N SER B 188 4.13 -16.34 -10.36
CA SER B 188 3.46 -17.37 -11.13
C SER B 188 4.30 -17.77 -12.34
N LYS B 189 4.04 -18.99 -12.84
CA LYS B 189 4.80 -19.49 -13.99
C LYS B 189 4.54 -18.66 -15.24
N ALA B 190 3.27 -18.35 -15.54
CA ALA B 190 2.96 -17.58 -16.73
C ALA B 190 3.59 -16.21 -16.68
N ASP B 191 3.61 -15.58 -15.51
CA ASP B 191 4.25 -14.27 -15.38
C ASP B 191 5.77 -14.41 -15.33
N TYR B 192 6.27 -15.54 -14.84
CA TYR B 192 7.72 -15.75 -14.78
C TYR B 192 8.32 -15.88 -16.17
N GLU B 193 7.61 -16.54 -17.08
CA GLU B 193 8.07 -16.70 -18.45
C GLU B 193 7.66 -15.55 -19.36
N LYS B 194 7.04 -14.50 -18.79
CA LYS B 194 6.72 -13.30 -19.55
C LYS B 194 7.90 -12.33 -19.62
N HIS B 195 8.83 -12.41 -18.69
CA HIS B 195 9.97 -11.52 -18.64
C HIS B 195 11.25 -12.31 -18.88
N LYS B 196 12.37 -11.58 -18.95
CA LYS B 196 13.65 -12.16 -19.31
C LYS B 196 14.61 -12.15 -18.12
N VAL B 197 15.01 -10.97 -17.64
CA VAL B 197 16.04 -10.87 -16.62
C VAL B 197 15.42 -10.64 -15.25
N TYR B 198 16.03 -11.23 -14.22
CA TYR B 198 15.59 -11.11 -12.84
C TYR B 198 16.77 -10.67 -11.99
N ALA B 199 16.59 -9.63 -11.19
CA ALA B 199 17.67 -9.03 -10.42
C ALA B 199 17.24 -8.79 -8.98
N CYS B 200 18.17 -9.03 -8.05
CA CYS B 200 18.00 -8.58 -6.67
C CYS B 200 19.11 -7.61 -6.34
N GLU B 201 18.72 -6.47 -5.78
CA GLU B 201 19.62 -5.36 -5.47
C GLU B 201 19.78 -5.26 -3.96
N VAL B 202 21.01 -5.22 -3.50
CA VAL B 202 21.31 -5.25 -2.08
C VAL B 202 21.92 -3.91 -1.70
N THR B 203 21.58 -3.43 -0.51
CA THR B 203 22.14 -2.21 0.04
C THR B 203 22.54 -2.50 1.48
N HIS B 204 23.75 -2.10 1.84
CA HIS B 204 24.26 -2.36 3.18
C HIS B 204 25.36 -1.35 3.46
N GLN B 205 25.50 -0.99 4.75
CA GLN B 205 26.54 -0.04 5.10
C GLN B 205 27.94 -0.59 4.90
N GLY B 206 28.08 -1.92 4.78
CA GLY B 206 29.37 -2.56 4.60
C GLY B 206 29.87 -2.58 3.18
N LEU B 207 29.10 -2.00 2.24
CA LEU B 207 29.46 -1.95 0.83
C LEU B 207 29.33 -0.52 0.34
N SER B 208 30.34 -0.05 -0.38
CA SER B 208 30.37 1.35 -0.81
C SER B 208 29.28 1.65 -1.82
N SER B 209 29.11 0.76 -2.80
CA SER B 209 28.04 0.89 -3.79
C SER B 209 27.10 -0.31 -3.70
N PRO B 210 25.81 -0.11 -3.98
CA PRO B 210 24.86 -1.23 -3.95
C PRO B 210 25.32 -2.36 -4.87
N VAL B 211 25.34 -3.57 -4.33
CA VAL B 211 25.68 -4.76 -5.10
C VAL B 211 24.39 -5.36 -5.64
N THR B 212 24.38 -5.66 -6.94
CA THR B 212 23.25 -6.29 -7.60
C THR B 212 23.74 -7.57 -8.26
N LYS B 213 23.13 -8.70 -7.91
CA LYS B 213 23.43 -9.96 -8.56
C LYS B 213 22.16 -10.55 -9.15
N SER B 214 22.26 -11.00 -10.39
CA SER B 214 21.11 -11.23 -11.25
C SER B 214 21.38 -12.37 -12.21
N PHE B 215 20.29 -12.95 -12.72
CA PHE B 215 20.35 -14.04 -13.68
C PHE B 215 19.37 -13.79 -14.82
N ASN B 216 19.75 -14.23 -16.01
CA ASN B 216 18.91 -14.14 -17.19
C ASN B 216 18.20 -15.48 -17.37
N ARG B 217 16.89 -15.44 -17.63
CA ARG B 217 16.11 -16.67 -17.68
C ARG B 217 16.56 -17.55 -18.83
N GLY B 218 17.00 -18.76 -18.51
CA GLY B 218 17.49 -19.71 -19.50
C GLY B 218 18.98 -19.96 -19.38
N GLU C 1 -8.60 14.45 -46.36
CA GLU C 1 -9.09 15.46 -45.42
C GLU C 1 -8.05 16.53 -45.16
N VAL C 2 -8.44 17.55 -44.41
CA VAL C 2 -7.52 18.58 -43.94
C VAL C 2 -7.26 18.30 -42.46
N GLN C 3 -6.07 17.80 -42.16
CA GLN C 3 -5.71 17.49 -40.79
C GLN C 3 -4.87 18.60 -40.19
N LEU C 4 -4.95 18.73 -38.87
CA LEU C 4 -4.18 19.69 -38.11
C LEU C 4 -3.57 18.97 -36.92
N VAL C 5 -2.25 18.95 -36.86
CA VAL C 5 -1.52 18.31 -35.78
C VAL C 5 -0.87 19.40 -34.93
N GLN C 6 -0.90 19.20 -33.63
CA GLN C 6 -0.30 20.11 -32.67
C GLN C 6 0.95 19.45 -32.11
N SER C 7 1.90 20.27 -31.68
CA SER C 7 3.18 19.73 -31.23
C SER C 7 3.01 19.02 -29.88
N GLY C 8 4.10 18.37 -29.44
CA GLY C 8 4.03 17.59 -28.24
C GLY C 8 3.81 18.43 -27.00
N THR C 9 3.28 17.78 -25.96
CA THR C 9 3.03 18.44 -24.69
C THR C 9 4.33 18.84 -24.01
N GLU C 10 4.26 19.91 -23.22
CA GLU C 10 5.42 20.49 -22.57
C GLU C 10 5.12 20.86 -21.12
N VAL C 11 6.16 20.78 -20.29
CA VAL C 11 6.11 21.17 -18.89
C VAL C 11 7.22 22.19 -18.64
N LYS C 12 6.90 23.25 -17.91
CA LYS C 12 7.84 24.34 -17.66
C LYS C 12 7.59 24.91 -16.28
N LYS C 13 8.41 25.92 -15.89
CA LYS C 13 8.29 26.68 -14.65
C LYS C 13 7.82 28.11 -14.93
N PRO C 14 7.12 28.73 -13.97
CA PRO C 14 6.59 30.09 -14.19
C PRO C 14 7.67 31.13 -14.42
N GLY C 15 7.84 31.57 -15.66
CA GLY C 15 8.80 32.60 -15.97
C GLY C 15 9.46 32.39 -17.32
N GLU C 16 9.39 31.17 -17.83
CA GLU C 16 10.04 30.80 -19.07
C GLU C 16 9.10 31.01 -20.26
N SER C 17 9.69 31.27 -21.43
CA SER C 17 8.96 31.46 -22.67
C SER C 17 8.89 30.14 -23.45
N LEU C 18 7.79 29.95 -24.17
CA LEU C 18 7.62 28.76 -25.01
C LEU C 18 6.82 29.14 -26.25
N LYS C 19 6.68 28.17 -27.15
CA LYS C 19 5.98 28.35 -28.41
C LYS C 19 5.32 27.04 -28.78
N ILE C 20 4.10 27.11 -29.31
CA ILE C 20 3.34 25.93 -29.70
C ILE C 20 3.17 25.95 -31.21
N SER C 21 3.35 24.79 -31.84
CA SER C 21 3.24 24.65 -33.28
C SER C 21 1.96 23.90 -33.66
N CYS C 22 1.17 24.49 -34.56
CA CYS C 22 -0.03 23.87 -35.11
C CYS C 22 0.13 23.85 -36.63
N LYS C 23 0.62 22.74 -37.16
CA LYS C 23 0.88 22.61 -38.59
C LYS C 23 -0.23 21.78 -39.22
N GLY C 24 -0.73 22.23 -40.37
CA GLY C 24 -1.82 21.56 -41.05
C GLY C 24 -1.50 21.25 -42.50
N SER C 25 -2.18 20.28 -43.03
CA SER C 25 -2.02 20.04 -44.39
C SER C 25 -3.18 19.34 -44.90
N GLY C 26 -3.55 19.73 -46.10
CA GLY C 26 -4.68 19.18 -46.81
C GLY C 26 -5.04 20.05 -48.00
N TYR C 27 -6.13 19.71 -48.68
CA TYR C 27 -6.49 20.53 -49.81
C TYR C 27 -6.92 21.84 -49.31
N GLY C 28 -6.46 22.90 -49.93
CA GLY C 28 -6.98 24.19 -49.62
C GLY C 28 -7.01 24.67 -48.23
N PHE C 29 -5.88 24.62 -47.64
CA PHE C 29 -5.69 25.17 -46.37
C PHE C 29 -5.83 26.65 -46.64
N ILE C 30 -5.45 27.11 -47.78
CA ILE C 30 -5.36 28.56 -47.91
C ILE C 30 -6.58 29.24 -47.32
N THR C 31 -7.78 28.68 -47.58
CA THR C 31 -9.01 29.34 -47.17
C THR C 31 -9.26 29.26 -45.67
N TYR C 32 -8.46 28.47 -44.94
CA TYR C 32 -8.73 28.17 -43.55
C TYR C 32 -8.08 29.21 -42.64
N TRP C 33 -8.89 29.88 -41.82
CA TRP C 33 -8.38 30.73 -40.75
C TRP C 33 -8.17 29.88 -39.51
N ILE C 34 -7.02 30.02 -38.87
CA ILE C 34 -6.62 29.19 -37.74
C ILE C 34 -6.84 29.97 -36.45
N GLY C 35 -7.60 29.40 -35.53
CA GLY C 35 -7.84 29.99 -34.23
C GLY C 35 -7.32 29.13 -33.09
N TRP C 36 -7.07 29.75 -31.93
CA TRP C 36 -6.61 29.04 -30.75
C TRP C 36 -7.67 29.14 -29.66
N VAL C 37 -7.80 28.07 -28.87
CA VAL C 37 -8.84 27.95 -27.85
C VAL C 37 -8.26 27.22 -26.64
N ARG C 38 -8.66 27.65 -25.45
CA ARG C 38 -8.14 27.13 -24.19
C ARG C 38 -9.16 26.27 -23.45
N GLN C 39 -8.69 25.18 -22.85
CA GLN C 39 -9.49 24.39 -21.92
C GLN C 39 -8.69 24.16 -20.64
N MET C 40 -9.09 24.84 -19.60
CA MET C 40 -8.48 24.69 -18.32
C MET C 40 -8.95 23.40 -17.70
N PRO C 41 -8.61 23.18 -16.44
CA PRO C 41 -9.01 21.96 -15.77
C PRO C 41 -10.53 21.89 -15.65
N GLY C 42 -11.11 23.06 -15.45
CA GLY C 42 -12.52 23.24 -15.18
C GLY C 42 -13.42 22.65 -16.26
N LYS C 43 -12.88 22.30 -17.41
CA LYS C 43 -13.78 21.71 -18.38
C LYS C 43 -14.50 22.72 -19.24
N GLY C 44 -14.05 23.93 -19.23
CA GLY C 44 -14.79 24.96 -19.94
C GLY C 44 -13.89 25.48 -21.05
N LEU C 45 -14.41 25.54 -22.26
CA LEU C 45 -13.62 26.00 -23.40
C LEU C 45 -13.93 27.44 -23.79
N GLU C 46 -12.88 28.24 -23.91
CA GLU C 46 -13.02 29.64 -24.27
C GLU C 46 -12.07 30.01 -25.40
N TRP C 47 -12.53 30.91 -26.25
CA TRP C 47 -11.85 31.31 -27.47
C TRP C 47 -10.68 32.23 -27.15
N MET C 48 -9.49 31.86 -27.63
CA MET C 48 -8.28 32.64 -27.37
C MET C 48 -8.07 33.70 -28.45
N GLY C 49 -7.99 33.28 -29.71
CA GLY C 49 -7.76 34.22 -30.79
C GLY C 49 -7.90 33.54 -32.13
N ILE C 50 -7.72 34.34 -33.18
CA ILE C 50 -7.80 33.86 -34.55
C ILE C 50 -6.72 34.55 -35.37
N ILE C 51 -6.21 33.83 -36.36
CA ILE C 51 -5.19 34.36 -37.26
C ILE C 51 -5.42 33.76 -38.63
N TYR C 52 -4.99 34.50 -39.66
CA TYR C 52 -4.98 34.02 -41.02
C TYR C 52 -3.52 33.78 -41.36
N PRO C 53 -3.15 32.57 -41.80
CA PRO C 53 -1.76 32.34 -42.22
C PRO C 53 -1.21 33.39 -43.17
N GLY C 54 -2.06 34.08 -43.92
CA GLY C 54 -1.63 35.08 -44.87
C GLY C 54 -1.21 36.35 -44.15
N ASP C 55 -1.16 36.25 -42.82
CA ASP C 55 -0.72 37.30 -41.93
C ASP C 55 -1.72 38.45 -41.90
N SER C 56 -2.96 38.20 -42.28
CA SER C 56 -3.98 39.23 -42.35
C SER C 56 -4.56 39.56 -40.97
N GLU C 57 -5.75 40.16 -40.96
CA GLU C 57 -6.42 40.64 -39.75
C GLU C 57 -6.31 39.65 -38.61
N THR C 58 -5.66 40.06 -37.53
CA THR C 58 -5.48 39.23 -36.34
C THR C 58 -6.24 39.86 -35.19
N ARG C 59 -7.20 39.12 -34.64
CA ARG C 59 -8.05 39.61 -33.58
C ARG C 59 -7.70 38.89 -32.29
N TYR C 60 -7.18 39.62 -31.32
CA TYR C 60 -6.98 39.03 -30.01
C TYR C 60 -8.27 39.18 -29.22
N SER C 61 -8.52 38.23 -28.34
CA SER C 61 -9.68 38.36 -27.49
C SER C 61 -9.35 39.39 -26.42
N PRO C 62 -10.30 40.23 -26.02
CA PRO C 62 -9.97 41.28 -25.05
C PRO C 62 -9.34 40.74 -23.78
N SER C 63 -9.82 39.60 -23.30
CA SER C 63 -9.22 38.97 -22.13
C SER C 63 -7.75 38.61 -22.37
N PHE C 64 -7.40 38.21 -23.59
CA PHE C 64 -6.07 37.71 -23.91
C PHE C 64 -5.30 38.61 -24.87
N GLN C 65 -5.58 39.92 -24.90
CA GLN C 65 -4.95 40.75 -25.92
C GLN C 65 -3.46 40.94 -25.66
N GLY C 66 -3.11 41.48 -24.49
CA GLY C 66 -1.71 41.62 -24.15
C GLY C 66 -1.07 40.38 -23.57
N GLN C 67 -1.89 39.40 -23.19
CA GLN C 67 -1.40 38.24 -22.48
C GLN C 67 -0.54 37.36 -23.37
N VAL C 68 -1.03 37.07 -24.57
CA VAL C 68 -0.37 36.12 -25.45
C VAL C 68 -0.05 36.80 -26.77
N THR C 69 0.92 36.23 -27.48
CA THR C 69 1.25 36.65 -28.83
C THR C 69 0.93 35.49 -29.76
N ILE C 70 0.11 35.76 -30.76
CA ILE C 70 -0.25 34.74 -31.74
C ILE C 70 0.31 35.16 -33.08
N SER C 71 0.83 34.20 -33.82
CA SER C 71 1.35 34.47 -35.15
C SER C 71 1.42 33.16 -35.93
N ALA C 72 1.76 33.28 -37.21
CA ALA C 72 1.83 32.14 -38.10
C ALA C 72 2.99 32.33 -39.07
N ASP C 73 3.43 31.20 -39.63
CA ASP C 73 4.49 31.13 -40.63
C ASP C 73 3.86 30.40 -41.82
N LYS C 74 3.21 31.15 -42.71
CA LYS C 74 2.49 30.51 -43.80
C LYS C 74 3.44 29.77 -44.73
N SER C 75 4.66 30.30 -44.90
CA SER C 75 5.57 29.76 -45.92
C SER C 75 5.73 28.27 -45.77
N ILE C 76 5.83 27.79 -44.52
CA ILE C 76 5.97 26.37 -44.24
C ILE C 76 4.65 25.76 -43.75
N ASN C 77 3.59 26.57 -43.65
CA ASN C 77 2.24 26.12 -43.25
C ASN C 77 2.20 25.69 -41.79
N THR C 78 2.65 26.57 -40.90
CA THR C 78 2.53 26.36 -39.47
C THR C 78 1.85 27.58 -38.85
N ALA C 79 1.43 27.43 -37.61
CA ALA C 79 0.85 28.50 -36.84
C ALA C 79 1.33 28.39 -35.41
N TYR C 80 1.65 29.53 -34.81
CA TYR C 80 2.32 29.54 -33.52
C TYR C 80 1.47 30.22 -32.47
N LEU C 81 1.85 29.98 -31.20
CA LEU C 81 1.20 30.58 -30.03
C LEU C 81 2.31 30.93 -29.05
N GLN C 82 2.98 32.05 -29.32
CA GLN C 82 4.11 32.48 -28.52
C GLN C 82 3.66 32.96 -27.15
N TRP C 83 4.28 32.40 -26.11
CA TRP C 83 4.00 32.79 -24.74
C TRP C 83 5.31 33.22 -24.08
N SER C 84 5.30 34.39 -23.43
CA SER C 84 6.50 34.89 -22.79
C SER C 84 6.19 34.98 -21.32
N SER C 85 7.06 34.52 -20.44
CA SER C 85 6.80 34.63 -19.04
C SER C 85 5.50 34.11 -18.55
N LEU C 86 5.36 32.81 -18.56
CA LEU C 86 4.21 32.08 -18.17
C LEU C 86 3.83 32.14 -16.73
N LYS C 87 2.63 31.73 -16.41
CA LYS C 87 2.13 31.75 -15.08
C LYS C 87 1.56 30.46 -14.68
N ALA C 88 1.36 30.27 -13.43
CA ALA C 88 0.83 28.96 -13.03
C ALA C 88 -0.60 28.75 -13.49
N SER C 89 -1.36 29.84 -13.68
CA SER C 89 -2.74 29.69 -14.10
C SER C 89 -2.88 29.33 -15.58
N ASP C 90 -1.79 29.33 -16.34
CA ASP C 90 -1.84 29.01 -17.76
C ASP C 90 -1.79 27.51 -18.04
N THR C 91 -1.62 26.66 -17.03
CA THR C 91 -1.56 25.22 -17.26
C THR C 91 -2.92 24.72 -17.73
N ALA C 92 -2.99 24.29 -18.98
CA ALA C 92 -4.24 23.85 -19.57
C ALA C 92 -3.91 23.09 -20.84
N ILE C 93 -4.95 22.51 -21.45
CA ILE C 93 -4.84 21.88 -22.75
C ILE C 93 -5.37 22.86 -23.79
N TYR C 94 -4.63 23.01 -24.88
CA TYR C 94 -4.92 24.03 -25.89
C TYR C 94 -5.14 23.39 -27.25
N TYR C 95 -6.18 23.87 -27.94
CA TYR C 95 -6.52 23.37 -29.26
C TYR C 95 -6.39 24.48 -30.28
N CYS C 96 -6.03 24.10 -31.50
CA CYS C 96 -6.16 24.97 -32.65
C CYS C 96 -7.22 24.39 -33.57
N ALA C 97 -8.06 25.26 -34.12
CA ALA C 97 -9.15 24.83 -34.98
C ALA C 97 -9.19 25.68 -36.24
N GLY C 98 -9.80 25.14 -37.28
CA GLY C 98 -9.81 25.83 -38.56
C GLY C 98 -11.20 26.10 -39.08
N GLY C 99 -11.44 27.33 -39.50
CA GLY C 99 -12.69 27.69 -40.14
C GLY C 99 -12.43 28.43 -41.43
N SER C 100 -13.31 28.20 -42.39
CA SER C 100 -13.08 28.69 -43.75
C SER C 100 -13.66 30.11 -43.91
N GLY C 101 -12.94 31.07 -43.32
CA GLY C 101 -13.28 32.47 -43.44
C GLY C 101 -13.26 33.17 -42.09
N ILE C 102 -13.83 34.37 -42.07
CA ILE C 102 -13.96 35.13 -40.84
C ILE C 102 -15.15 34.64 -40.02
N SER C 103 -16.35 34.79 -40.58
CA SER C 103 -17.59 34.50 -39.86
C SER C 103 -18.11 33.12 -40.25
N THR C 104 -17.35 32.13 -39.80
CA THR C 104 -17.55 30.73 -40.12
C THR C 104 -17.23 29.91 -38.89
N PRO C 105 -17.86 28.75 -38.74
CA PRO C 105 -17.52 27.87 -37.62
C PRO C 105 -16.21 27.17 -37.87
N MET C 106 -15.66 26.64 -36.77
CA MET C 106 -14.37 25.95 -36.74
C MET C 106 -14.58 24.54 -37.24
N ASP C 107 -14.20 24.29 -38.50
CA ASP C 107 -14.56 23.02 -39.15
C ASP C 107 -13.75 21.85 -38.61
N VAL C 108 -12.42 21.94 -38.64
CA VAL C 108 -11.55 20.86 -38.19
C VAL C 108 -10.70 21.34 -37.02
N TRP C 109 -10.50 20.47 -36.04
CA TRP C 109 -9.78 20.79 -34.81
C TRP C 109 -8.46 20.03 -34.76
N GLY C 110 -7.63 20.40 -33.78
CA GLY C 110 -6.33 19.78 -33.61
C GLY C 110 -6.31 18.70 -32.55
N GLN C 111 -5.12 18.11 -32.38
CA GLN C 111 -4.93 17.04 -31.42
C GLN C 111 -5.03 17.53 -29.98
N GLY C 112 -4.64 18.78 -29.72
CA GLY C 112 -4.59 19.30 -28.38
C GLY C 112 -3.22 19.14 -27.76
N THR C 113 -2.80 20.13 -26.98
CA THR C 113 -1.51 20.10 -26.30
C THR C 113 -1.73 20.38 -24.82
N THR C 114 -1.18 19.53 -23.97
CA THR C 114 -1.23 19.74 -22.53
C THR C 114 0.01 20.53 -22.11
N VAL C 115 -0.21 21.62 -21.38
CA VAL C 115 0.86 22.42 -20.80
C VAL C 115 0.71 22.39 -19.29
N THR C 116 1.80 22.13 -18.59
CA THR C 116 1.82 22.09 -17.14
C THR C 116 2.93 23.00 -16.64
N VAL C 117 2.60 23.95 -15.79
CA VAL C 117 3.59 24.88 -15.24
C VAL C 117 3.42 24.95 -13.73
N SER C 118 4.47 24.54 -13.00
CA SER C 118 4.42 24.49 -11.56
C SER C 118 5.85 24.64 -11.04
N SER C 119 5.95 24.94 -9.74
CA SER C 119 7.25 25.14 -9.10
C SER C 119 7.85 23.82 -8.60
N ALA C 120 7.53 22.71 -9.27
CA ALA C 120 8.01 21.40 -8.86
C ALA C 120 8.77 20.72 -10.00
N SER C 121 9.68 19.83 -9.62
CA SER C 121 10.54 19.10 -10.54
C SER C 121 10.02 17.67 -10.71
N THR C 122 10.61 16.97 -11.67
CA THR C 122 10.19 15.60 -11.96
C THR C 122 10.59 14.67 -10.82
N LYS C 123 9.62 13.88 -10.35
CA LYS C 123 9.83 12.98 -9.23
C LYS C 123 9.09 11.67 -9.49
N GLY C 124 9.73 10.56 -9.14
CA GLY C 124 9.14 9.26 -9.33
C GLY C 124 8.08 8.97 -8.29
N PRO C 125 7.04 8.25 -8.67
CA PRO C 125 5.93 7.99 -7.75
C PRO C 125 6.31 6.96 -6.69
N SER C 126 5.47 6.91 -5.66
CA SER C 126 5.57 5.93 -4.59
C SER C 126 4.25 5.17 -4.49
N VAL C 127 4.32 3.85 -4.54
CA VAL C 127 3.13 3.02 -4.51
C VAL C 127 2.98 2.42 -3.12
N PHE C 128 1.72 2.27 -2.70
CA PHE C 128 1.39 1.71 -1.40
C PHE C 128 0.18 0.82 -1.55
N PRO C 129 0.05 -0.22 -0.75
CA PRO C 129 -1.07 -1.14 -0.89
C PRO C 129 -2.33 -0.62 -0.20
N LEU C 130 -3.46 -1.14 -0.67
CA LEU C 130 -4.79 -0.95 -0.08
C LEU C 130 -5.26 -2.35 0.30
N ALA C 131 -5.08 -2.72 1.53
CA ALA C 131 -5.42 -4.07 1.96
C ALA C 131 -6.86 -4.12 2.48
N PRO C 132 -7.52 -5.29 2.42
CA PRO C 132 -8.89 -5.41 2.90
C PRO C 132 -8.98 -5.91 4.34
N GLY C 139 -18.52 -7.71 2.88
CA GLY C 139 -19.71 -8.51 3.13
C GLY C 139 -20.06 -9.40 1.96
N GLY C 140 -19.03 -9.80 1.22
CA GLY C 140 -19.19 -10.70 0.11
C GLY C 140 -18.28 -10.41 -1.08
N THR C 141 -18.02 -9.14 -1.34
CA THR C 141 -17.17 -8.71 -2.46
C THR C 141 -16.29 -7.55 -1.99
N ALA C 142 -15.16 -7.88 -1.38
CA ALA C 142 -14.23 -6.88 -0.87
C ALA C 142 -13.34 -6.34 -2.00
N ALA C 143 -13.18 -5.01 -2.03
CA ALA C 143 -12.45 -4.33 -3.08
C ALA C 143 -11.01 -4.01 -2.67
N LEU C 144 -10.09 -4.14 -3.62
CA LEU C 144 -8.68 -3.87 -3.40
C LEU C 144 -8.15 -2.81 -4.38
N GLY C 145 -6.93 -2.35 -4.10
CA GLY C 145 -6.30 -1.35 -4.95
C GLY C 145 -4.92 -1.03 -4.46
N CYS C 146 -4.24 -0.16 -5.22
CA CYS C 146 -2.93 0.38 -4.84
C CYS C 146 -2.91 1.90 -5.05
N LEU C 147 -2.32 2.60 -4.08
CA LEU C 147 -2.29 4.07 -4.05
C LEU C 147 -0.93 4.59 -4.51
N VAL C 148 -0.94 5.38 -5.58
CA VAL C 148 0.26 6.00 -6.14
C VAL C 148 0.31 7.46 -5.69
N LYS C 149 1.35 7.84 -4.96
CA LYS C 149 1.42 9.13 -4.29
C LYS C 149 2.73 9.84 -4.60
N ASP C 150 2.65 11.17 -4.72
CA ASP C 150 3.79 12.07 -4.84
C ASP C 150 4.62 11.79 -6.10
N TYR C 151 4.01 12.08 -7.24
CA TYR C 151 4.71 12.04 -8.51
C TYR C 151 4.49 13.34 -9.28
N PHE C 152 5.38 13.60 -10.23
CA PHE C 152 5.29 14.76 -11.10
C PHE C 152 6.25 14.56 -12.27
N PRO C 153 5.86 14.93 -13.50
CA PRO C 153 4.54 15.48 -13.85
C PRO C 153 3.55 14.39 -14.26
N GLU C 154 2.41 14.81 -14.81
CA GLU C 154 1.44 13.88 -15.37
C GLU C 154 1.97 13.32 -16.69
N PRO C 155 1.44 12.15 -17.12
CA PRO C 155 0.53 11.25 -16.42
C PRO C 155 1.17 9.91 -16.08
N VAL C 156 0.45 9.06 -15.36
CA VAL C 156 0.87 7.69 -15.12
C VAL C 156 -0.13 6.75 -15.78
N THR C 157 0.32 5.54 -16.07
CA THR C 157 -0.52 4.47 -16.60
C THR C 157 -0.50 3.32 -15.62
N VAL C 158 -1.68 2.96 -15.12
CA VAL C 158 -1.83 1.93 -14.08
C VAL C 158 -2.53 0.74 -14.72
N SER C 159 -1.83 -0.39 -14.81
CA SER C 159 -2.41 -1.63 -15.28
C SER C 159 -2.66 -2.56 -14.09
N TRP C 160 -3.37 -3.65 -14.36
CA TRP C 160 -3.63 -4.65 -13.34
C TRP C 160 -3.33 -6.02 -13.94
N ASN C 161 -2.43 -6.77 -13.30
CA ASN C 161 -2.00 -8.06 -13.81
C ASN C 161 -1.49 -7.96 -15.24
N SER C 162 -0.78 -6.87 -15.54
CA SER C 162 -0.19 -6.61 -16.86
C SER C 162 -1.25 -6.57 -17.95
N GLY C 163 -2.45 -6.12 -17.60
CA GLY C 163 -3.55 -6.07 -18.54
C GLY C 163 -4.46 -7.27 -18.59
N ALA C 164 -4.27 -8.27 -17.72
CA ALA C 164 -5.09 -9.48 -17.81
C ALA C 164 -6.55 -9.20 -17.45
N LEU C 165 -6.80 -8.66 -16.25
CA LEU C 165 -8.15 -8.38 -15.78
C LEU C 165 -8.50 -6.91 -16.03
N THR C 166 -9.70 -6.68 -16.53
CA THR C 166 -10.16 -5.31 -16.81
C THR C 166 -11.51 -5.04 -16.15
N SER C 167 -12.35 -6.06 -16.04
CA SER C 167 -13.69 -5.89 -15.48
C SER C 167 -13.61 -5.43 -14.03
N GLY C 168 -14.33 -4.36 -13.71
CA GLY C 168 -14.41 -3.86 -12.35
C GLY C 168 -13.24 -3.00 -11.92
N VAL C 169 -12.41 -2.55 -12.86
CA VAL C 169 -11.25 -1.72 -12.52
C VAL C 169 -11.63 -0.25 -12.66
N HIS C 170 -11.28 0.53 -11.65
CA HIS C 170 -11.50 1.98 -11.63
C HIS C 170 -10.17 2.65 -11.33
N THR C 171 -9.76 3.56 -12.21
CA THR C 171 -8.55 4.36 -12.00
C THR C 171 -8.95 5.82 -12.02
N PHE C 172 -8.79 6.49 -10.87
CA PHE C 172 -9.26 7.85 -10.70
C PHE C 172 -8.30 8.86 -11.34
N PRO C 173 -8.81 10.04 -11.70
CA PRO C 173 -7.93 11.10 -12.21
C PRO C 173 -6.91 11.55 -11.17
N ALA C 174 -5.85 12.17 -11.65
CA ALA C 174 -4.82 12.69 -10.74
C ALA C 174 -5.37 13.80 -9.86
N VAL C 175 -4.76 13.98 -8.70
CA VAL C 175 -5.15 15.01 -7.75
C VAL C 175 -3.93 15.85 -7.41
N LEU C 176 -4.01 17.15 -7.68
CA LEU C 176 -2.92 18.06 -7.32
C LEU C 176 -3.02 18.41 -5.85
N GLN C 177 -1.95 18.15 -5.11
CA GLN C 177 -1.95 18.33 -3.66
C GLN C 177 -1.28 19.66 -3.31
N SER C 178 -1.10 19.89 -2.01
CA SER C 178 -0.47 21.13 -1.56
C SER C 178 0.94 21.27 -2.13
N SER C 179 1.71 20.18 -2.10
CA SER C 179 3.11 20.19 -2.51
C SER C 179 3.32 20.41 -4.01
N GLY C 180 2.25 20.53 -4.79
CA GLY C 180 2.38 20.72 -6.22
C GLY C 180 2.66 19.46 -7.02
N LEU C 181 2.46 18.29 -6.42
CA LEU C 181 2.57 17.01 -7.11
C LEU C 181 1.23 16.29 -7.09
N TYR C 182 1.15 15.22 -7.89
CA TYR C 182 -0.10 14.49 -8.10
C TYR C 182 -0.11 13.19 -7.30
N SER C 183 -1.31 12.59 -7.24
CA SER C 183 -1.50 11.26 -6.65
C SER C 183 -2.85 10.74 -7.12
N LEU C 184 -2.94 9.41 -7.25
CA LEU C 184 -4.19 8.78 -7.66
C LEU C 184 -4.25 7.38 -7.09
N SER C 185 -5.42 6.76 -7.24
CA SER C 185 -5.70 5.43 -6.70
C SER C 185 -6.41 4.59 -7.77
N SER C 186 -6.01 3.32 -7.86
CA SER C 186 -6.71 2.34 -8.68
C SER C 186 -7.40 1.32 -7.78
N VAL C 187 -8.54 0.79 -8.25
CA VAL C 187 -9.36 -0.10 -7.44
C VAL C 187 -9.95 -1.20 -8.32
N VAL C 188 -10.07 -2.41 -7.75
CA VAL C 188 -10.68 -3.57 -8.39
C VAL C 188 -11.45 -4.35 -7.33
N THR C 189 -12.63 -4.84 -7.69
CA THR C 189 -13.43 -5.66 -6.79
C THR C 189 -13.16 -7.14 -7.06
N VAL C 190 -12.95 -7.90 -5.97
CA VAL C 190 -12.56 -9.31 -6.08
C VAL C 190 -13.29 -10.10 -4.99
N PRO C 191 -13.52 -11.38 -5.26
CA PRO C 191 -14.15 -12.23 -4.24
C PRO C 191 -13.30 -12.38 -2.99
N SER C 192 -13.96 -12.34 -1.83
CA SER C 192 -13.26 -12.50 -0.56
C SER C 192 -12.67 -13.90 -0.40
N SER C 193 -13.34 -14.89 -0.93
CA SER C 193 -12.81 -16.23 -0.84
C SER C 193 -11.50 -16.32 -1.59
N SER C 194 -11.37 -15.48 -2.55
CA SER C 194 -10.18 -15.56 -3.27
C SER C 194 -8.86 -15.21 -2.67
N LEU C 195 -8.69 -14.03 -2.10
CA LEU C 195 -7.37 -13.51 -1.73
C LEU C 195 -6.54 -14.41 -0.96
N GLY C 196 -5.31 -14.48 -1.44
CA GLY C 196 -4.21 -15.34 -1.05
C GLY C 196 -4.15 -16.42 -2.13
N THR C 197 -5.30 -17.01 -2.37
CA THR C 197 -5.51 -17.96 -3.38
C THR C 197 -5.24 -17.33 -4.74
N GLN C 198 -5.59 -16.08 -5.02
CA GLN C 198 -5.23 -15.48 -6.32
C GLN C 198 -4.37 -14.21 -6.19
N THR C 199 -3.37 -14.02 -7.05
CA THR C 199 -2.44 -12.92 -6.94
C THR C 199 -2.95 -11.69 -7.53
N TYR C 200 -2.70 -10.54 -6.95
CA TYR C 200 -3.14 -9.26 -7.51
C TYR C 200 -1.96 -8.31 -7.53
N ILE C 201 -1.56 -7.88 -8.72
CA ILE C 201 -0.41 -7.01 -8.92
C ILE C 201 -0.84 -5.81 -9.75
N CYS C 202 -0.55 -4.61 -9.28
CA CYS C 202 -0.83 -3.39 -10.03
C CYS C 202 0.47 -2.89 -10.66
N ASN C 203 0.42 -2.62 -11.95
CA ASN C 203 1.59 -2.29 -12.76
C ASN C 203 1.53 -0.80 -13.10
N VAL C 204 2.24 0.01 -12.30
CA VAL C 204 2.26 1.46 -12.50
C VAL C 204 3.47 1.84 -13.34
N ASN C 205 3.30 2.88 -14.14
CA ASN C 205 4.35 3.37 -15.03
C ASN C 205 4.33 4.90 -15.07
N HIS C 206 5.49 5.51 -14.84
CA HIS C 206 5.67 6.96 -14.92
C HIS C 206 6.82 7.22 -15.89
N LYS C 207 6.50 7.49 -17.17
CA LYS C 207 7.57 7.61 -18.16
C LYS C 207 8.50 8.81 -17.95
N PRO C 208 8.03 9.98 -17.49
CA PRO C 208 8.97 11.10 -17.32
C PRO C 208 10.10 10.80 -16.35
N SER C 209 9.82 10.01 -15.31
CA SER C 209 10.84 9.58 -14.37
C SER C 209 11.46 8.24 -14.74
N ASN C 210 10.97 7.59 -15.79
CA ASN C 210 11.44 6.26 -16.21
C ASN C 210 11.27 5.26 -15.07
N THR C 211 10.09 5.28 -14.45
CA THR C 211 9.78 4.43 -13.30
C THR C 211 8.73 3.40 -13.68
N LYS C 212 9.03 2.13 -13.39
CA LYS C 212 8.12 1.01 -13.61
C LYS C 212 8.07 0.17 -12.34
N VAL C 213 6.91 0.11 -11.69
CA VAL C 213 6.76 -0.57 -10.41
C VAL C 213 5.58 -1.54 -10.48
N ASP C 214 5.78 -2.75 -9.95
CA ASP C 214 4.71 -3.75 -9.81
C ASP C 214 4.52 -4.04 -8.33
N LYS C 215 3.31 -3.86 -7.82
CA LYS C 215 3.00 -4.01 -6.41
C LYS C 215 1.90 -5.04 -6.20
N LYS C 216 2.17 -6.03 -5.37
CA LYS C 216 1.20 -7.07 -5.01
C LYS C 216 0.50 -6.70 -3.70
N VAL C 217 -0.83 -6.64 -3.74
CA VAL C 217 -1.65 -6.30 -2.58
C VAL C 217 -2.08 -7.59 -1.89
N GLU C 218 -2.18 -7.55 -0.57
CA GLU C 218 -2.41 -8.71 0.28
C GLU C 218 -3.25 -8.28 1.48
N PRO C 219 -4.02 -9.19 2.09
CA PRO C 219 -4.88 -8.78 3.22
C PRO C 219 -4.10 -8.48 4.49
N LYS C 220 -4.83 -8.12 5.54
CA LYS C 220 -4.21 -7.59 6.74
C LYS C 220 -3.57 -8.71 7.56
N SER C 221 -2.30 -8.52 7.91
CA SER C 221 -1.57 -9.47 8.73
C SER C 221 -1.33 -8.93 10.14
N ASP D 1 -18.22 41.44 -27.56
CA ASP D 1 -18.67 40.95 -26.27
C ASP D 1 -20.12 40.48 -26.31
N ILE D 2 -20.42 39.51 -27.15
CA ILE D 2 -21.69 38.81 -27.13
C ILE D 2 -21.50 37.59 -26.24
N VAL D 3 -22.12 37.60 -25.06
CA VAL D 3 -21.95 36.52 -24.09
C VAL D 3 -23.18 35.62 -24.12
N MET D 4 -22.96 34.33 -24.13
CA MET D 4 -24.02 33.37 -24.25
C MET D 4 -23.96 32.44 -23.10
N THR D 5 -25.06 32.18 -22.45
CA THR D 5 -25.17 31.30 -21.29
C THR D 5 -26.18 30.22 -21.60
N GLN D 6 -25.74 28.96 -21.57
CA GLN D 6 -26.65 27.84 -21.78
C GLN D 6 -27.45 27.61 -20.52
N SER D 7 -28.76 27.36 -20.67
CA SER D 7 -29.62 27.36 -19.50
C SER D 7 -29.39 26.13 -18.61
N PRO D 8 -29.42 24.88 -19.12
CA PRO D 8 -29.24 23.76 -18.20
C PRO D 8 -27.78 23.36 -18.11
N ASP D 9 -27.17 23.65 -16.95
CA ASP D 9 -25.79 23.27 -16.71
C ASP D 9 -25.64 21.75 -16.72
N SER D 10 -26.52 21.05 -16.00
CA SER D 10 -26.51 19.60 -15.94
C SER D 10 -27.84 19.05 -16.43
N LEU D 11 -27.75 17.98 -17.22
CA LEU D 11 -28.93 17.33 -17.79
C LEU D 11 -28.75 15.82 -17.68
N ALA D 12 -29.68 15.15 -17.00
CA ALA D 12 -29.64 13.71 -16.84
C ALA D 12 -30.92 13.13 -17.44
N VAL D 13 -30.74 12.30 -18.47
CA VAL D 13 -31.86 11.72 -19.22
C VAL D 13 -31.56 10.25 -19.47
N SER D 14 -32.63 9.46 -19.54
CA SER D 14 -32.53 8.03 -19.78
C SER D 14 -32.12 7.75 -21.21
N LEU D 15 -31.89 6.47 -21.51
CA LEU D 15 -31.55 6.05 -22.86
C LEU D 15 -32.79 6.08 -23.74
N GLY D 16 -32.70 6.74 -24.88
CA GLY D 16 -33.78 6.77 -25.84
C GLY D 16 -34.89 7.76 -25.58
N GLU D 17 -34.83 8.50 -24.48
CA GLU D 17 -35.78 9.59 -24.26
C GLU D 17 -35.09 10.90 -24.64
N ARG D 18 -35.90 11.90 -24.97
CA ARG D 18 -35.38 13.08 -25.62
C ARG D 18 -34.70 14.03 -24.64
N ALA D 19 -33.71 14.75 -25.14
CA ALA D 19 -32.98 15.74 -24.36
C ALA D 19 -33.09 17.10 -25.05
N THR D 20 -32.98 18.16 -24.25
CA THR D 20 -33.14 19.52 -24.75
C THR D 20 -32.08 20.41 -24.12
N ILE D 21 -31.31 21.08 -24.96
CA ILE D 21 -30.32 22.07 -24.53
C ILE D 21 -30.57 23.34 -25.31
N ASN D 22 -30.40 24.49 -24.66
CA ASN D 22 -30.65 25.77 -25.30
C ASN D 22 -29.50 26.74 -25.09
N CYS D 23 -29.38 27.68 -26.02
CA CYS D 23 -28.39 28.76 -26.00
C CYS D 23 -29.14 30.08 -26.06
N LYS D 24 -28.53 31.11 -25.50
CA LYS D 24 -29.13 32.44 -25.40
C LYS D 24 -28.06 33.44 -25.79
N SER D 25 -28.49 34.57 -26.36
CA SER D 25 -27.53 35.53 -26.93
C SER D 25 -27.86 36.93 -26.44
N SER D 26 -26.85 37.62 -25.92
CA SER D 26 -27.02 39.00 -25.46
C SER D 26 -27.24 39.98 -26.60
N GLN D 27 -26.83 39.61 -27.81
CA GLN D 27 -27.08 40.41 -29.00
C GLN D 27 -27.74 39.55 -30.06
N SER D 28 -27.87 40.07 -31.27
CA SER D 28 -28.45 39.33 -32.37
C SER D 28 -27.35 38.71 -33.22
N VAL D 29 -27.51 37.44 -33.54
CA VAL D 29 -26.61 36.72 -34.42
C VAL D 29 -27.29 36.46 -35.76
N LEU D 30 -28.29 37.27 -36.10
CA LEU D 30 -29.12 37.10 -37.28
C LEU D 30 -28.72 38.13 -38.33
N TYR D 31 -28.31 37.64 -39.50
CA TYR D 31 -28.08 38.53 -40.64
C TYR D 31 -29.36 38.79 -41.42
N SER D 32 -29.57 40.07 -41.74
CA SER D 32 -30.85 40.53 -42.27
C SER D 32 -31.22 39.88 -43.60
N SER D 33 -30.30 39.87 -44.51
CA SER D 33 -30.61 39.35 -45.81
C SER D 33 -30.87 37.92 -46.04
N ILE D 34 -29.96 37.13 -45.54
CA ILE D 34 -29.93 35.73 -45.88
C ILE D 34 -30.33 34.74 -44.84
N ASN D 35 -31.08 35.22 -43.84
CA ASN D 35 -31.46 34.46 -42.67
C ASN D 35 -30.11 34.11 -42.12
N LYS D 36 -29.80 32.84 -41.96
CA LYS D 36 -28.50 32.45 -41.52
C LYS D 36 -27.90 32.96 -40.21
N ASN D 37 -28.40 32.49 -39.08
CA ASN D 37 -27.84 32.79 -37.77
C ASN D 37 -26.43 32.25 -37.67
N TYR D 38 -25.59 32.98 -36.95
CA TYR D 38 -24.17 32.65 -36.86
C TYR D 38 -23.86 32.02 -35.50
N LEU D 39 -24.50 30.88 -35.25
CA LEU D 39 -24.30 30.12 -34.04
C LEU D 39 -24.15 28.65 -34.39
N ALA D 40 -23.09 28.03 -33.87
CA ALA D 40 -22.82 26.63 -34.09
C ALA D 40 -22.80 25.93 -32.74
N TRP D 41 -23.01 24.62 -32.75
CA TRP D 41 -22.95 23.79 -31.56
C TRP D 41 -21.85 22.77 -31.68
N TYR D 42 -21.12 22.55 -30.59
CA TYR D 42 -20.04 21.58 -30.52
C TYR D 42 -20.33 20.56 -29.43
N GLN D 43 -19.76 19.37 -29.58
CA GLN D 43 -19.76 18.35 -28.54
C GLN D 43 -18.33 17.91 -28.27
N GLN D 44 -18.02 17.60 -27.01
CA GLN D 44 -16.72 17.10 -26.64
C GLN D 44 -16.87 16.04 -25.55
N LYS D 45 -16.13 14.96 -25.72
CA LYS D 45 -16.10 13.82 -24.81
C LYS D 45 -14.85 13.86 -23.95
N PRO D 46 -14.87 13.19 -22.79
CA PRO D 46 -13.71 13.23 -21.90
C PRO D 46 -12.45 12.71 -22.58
N GLY D 47 -11.40 13.53 -22.56
CA GLY D 47 -10.14 13.14 -23.16
C GLY D 47 -10.16 13.14 -24.67
N GLN D 48 -10.96 14.01 -25.29
CA GLN D 48 -11.08 14.06 -26.72
C GLN D 48 -11.30 15.52 -27.10
N PRO D 49 -10.73 15.98 -28.22
CA PRO D 49 -11.00 17.36 -28.64
C PRO D 49 -12.43 17.54 -29.05
N PRO D 50 -12.98 18.76 -28.95
CA PRO D 50 -14.37 18.97 -29.34
C PRO D 50 -14.53 18.88 -30.85
N LYS D 51 -15.62 18.27 -31.28
CA LYS D 51 -15.93 18.12 -32.69
C LYS D 51 -17.21 18.87 -33.01
N LEU D 52 -17.21 19.53 -34.17
CA LEU D 52 -18.38 20.29 -34.59
C LEU D 52 -19.56 19.36 -34.84
N LEU D 53 -20.75 19.81 -34.48
CA LEU D 53 -21.96 19.01 -34.62
C LEU D 53 -22.98 19.63 -35.57
N ILE D 54 -23.24 20.93 -35.47
CA ILE D 54 -24.11 21.64 -36.40
C ILE D 54 -23.53 23.03 -36.62
N TYR D 55 -23.88 23.62 -37.76
CA TYR D 55 -23.55 25.01 -38.03
C TYR D 55 -24.75 25.70 -38.65
N TRP D 56 -24.84 27.01 -38.40
CA TRP D 56 -25.99 27.83 -38.76
C TRP D 56 -27.26 27.35 -38.07
N ALA D 57 -27.12 26.80 -36.86
CA ALA D 57 -28.23 26.45 -35.98
C ALA D 57 -29.08 25.30 -36.48
N SER D 58 -28.92 24.91 -37.75
CA SER D 58 -29.74 23.82 -38.28
C SER D 58 -29.02 22.91 -39.25
N THR D 59 -27.90 23.33 -39.83
CA THR D 59 -27.22 22.52 -40.82
C THR D 59 -26.23 21.59 -40.13
N ARG D 60 -26.33 20.29 -40.40
CA ARG D 60 -25.39 19.34 -39.83
C ARG D 60 -24.26 19.10 -40.83
N GLU D 61 -23.27 18.28 -40.43
CA GLU D 61 -22.19 17.91 -41.34
C GLU D 61 -22.09 16.39 -41.47
N SER D 62 -20.94 15.92 -41.97
CA SER D 62 -20.85 14.57 -42.54
C SER D 62 -21.03 13.47 -41.51
N GLY D 63 -20.67 13.70 -40.24
CA GLY D 63 -20.67 12.59 -39.30
C GLY D 63 -21.84 12.55 -38.34
N VAL D 64 -22.65 13.60 -38.35
CA VAL D 64 -23.71 13.79 -37.37
C VAL D 64 -24.97 13.03 -37.80
N PRO D 65 -25.48 12.14 -36.96
CA PRO D 65 -26.70 11.41 -37.32
C PRO D 65 -27.91 12.33 -37.34
N ASP D 66 -28.96 11.85 -38.00
CA ASP D 66 -30.21 12.61 -38.11
C ASP D 66 -30.96 12.75 -36.79
N ARG D 67 -30.47 12.12 -35.71
CA ARG D 67 -31.11 12.24 -34.42
C ARG D 67 -30.82 13.56 -33.72
N PHE D 68 -29.83 14.32 -34.18
CA PHE D 68 -29.53 15.63 -33.62
C PHE D 68 -30.25 16.68 -34.46
N SER D 69 -31.11 17.46 -33.82
CA SER D 69 -31.91 18.46 -34.54
C SER D 69 -31.70 19.78 -33.81
N GLY D 70 -30.94 20.68 -34.45
CA GLY D 70 -30.79 22.01 -33.92
C GLY D 70 -31.94 22.90 -34.36
N SER D 71 -32.28 23.78 -33.48
CA SER D 71 -33.33 24.74 -33.67
C SER D 71 -32.84 26.08 -33.27
N GLY D 72 -33.50 27.08 -33.79
CA GLY D 72 -33.00 28.39 -33.58
C GLY D 72 -33.91 29.50 -33.73
N SER D 73 -33.38 30.65 -33.46
CA SER D 73 -34.09 31.87 -33.57
C SER D 73 -33.15 32.99 -33.70
N GLY D 74 -33.63 34.19 -33.50
CA GLY D 74 -32.77 35.34 -33.49
C GLY D 74 -31.89 35.28 -32.28
N THR D 75 -32.46 34.87 -31.16
CA THR D 75 -31.75 34.80 -29.90
C THR D 75 -31.92 33.60 -28.98
N ASP D 76 -32.88 32.72 -29.19
CA ASP D 76 -33.03 31.57 -28.34
C ASP D 76 -32.94 30.41 -29.23
N PHE D 77 -31.93 29.61 -29.02
CA PHE D 77 -31.59 28.46 -29.86
C PHE D 77 -31.68 27.19 -29.02
N THR D 78 -31.96 26.07 -29.67
CA THR D 78 -32.20 24.83 -28.93
C THR D 78 -31.52 23.64 -29.59
N LEU D 79 -30.85 22.81 -28.78
CA LEU D 79 -30.33 21.53 -29.20
C LEU D 79 -31.33 20.44 -28.81
N THR D 80 -31.92 19.77 -29.81
CA THR D 80 -32.89 18.71 -29.58
C THR D 80 -32.39 17.42 -30.22
N ILE D 81 -32.36 16.34 -29.43
CA ILE D 81 -31.98 15.03 -29.90
C ILE D 81 -33.19 14.11 -29.76
N SER D 82 -33.48 13.34 -30.81
CA SER D 82 -34.71 12.56 -30.83
C SER D 82 -34.65 11.41 -29.83
N SER D 83 -33.51 10.74 -29.73
CA SER D 83 -33.37 9.62 -28.79
C SER D 83 -31.93 9.58 -28.30
N LEU D 84 -31.73 9.93 -27.03
CA LEU D 84 -30.39 9.89 -26.46
C LEU D 84 -29.91 8.46 -26.38
N GLN D 85 -28.81 8.18 -27.07
CA GLN D 85 -28.17 6.87 -27.06
C GLN D 85 -26.87 6.94 -26.28
N ALA D 86 -26.25 5.77 -26.10
CA ALA D 86 -25.09 5.66 -25.24
C ALA D 86 -23.92 6.52 -25.72
N GLU D 87 -23.86 6.75 -27.04
CA GLU D 87 -22.76 7.52 -27.64
C GLU D 87 -22.85 9.02 -27.36
N ASP D 88 -23.98 9.49 -26.84
CA ASP D 88 -24.21 10.92 -26.70
C ASP D 88 -23.70 11.51 -25.39
N VAL D 89 -23.04 10.71 -24.54
CA VAL D 89 -22.52 11.25 -23.28
C VAL D 89 -21.34 12.17 -23.62
N ALA D 90 -21.55 13.46 -23.45
CA ALA D 90 -20.53 14.47 -23.77
C ALA D 90 -20.97 15.80 -23.15
N VAL D 91 -20.15 16.82 -23.36
CA VAL D 91 -20.46 18.19 -22.96
C VAL D 91 -20.61 19.01 -24.24
N TYR D 92 -21.69 19.79 -24.32
CA TYR D 92 -22.02 20.53 -25.53
C TYR D 92 -21.82 22.03 -25.30
N TYR D 93 -21.26 22.69 -26.32
CA TYR D 93 -21.03 24.13 -26.28
C TYR D 93 -21.68 24.78 -27.50
N CYS D 94 -21.88 26.10 -27.40
CA CYS D 94 -22.41 26.93 -28.48
C CYS D 94 -21.60 28.21 -28.58
N GLN D 95 -21.13 28.52 -29.80
CA GLN D 95 -20.39 29.75 -30.03
C GLN D 95 -21.00 30.53 -31.17
N GLN D 96 -20.52 31.77 -31.33
CA GLN D 96 -20.99 32.69 -32.35
C GLN D 96 -19.80 33.18 -33.13
N TYR D 97 -19.92 33.20 -34.45
CA TYR D 97 -18.88 33.70 -35.32
C TYR D 97 -19.29 34.97 -36.07
N TYR D 98 -20.24 35.74 -35.54
CA TYR D 98 -20.63 36.96 -36.24
C TYR D 98 -19.70 38.11 -35.89
N SER D 99 -19.86 38.67 -34.69
CA SER D 99 -19.08 39.82 -34.27
C SER D 99 -18.05 39.38 -33.25
N THR D 100 -16.80 39.67 -33.52
CA THR D 100 -15.69 39.32 -32.65
C THR D 100 -15.68 40.18 -31.39
N PRO D 101 -15.23 39.62 -30.25
CA PRO D 101 -14.66 38.28 -30.05
C PRO D 101 -15.71 37.20 -30.03
N TYR D 102 -15.31 35.97 -30.33
CA TYR D 102 -16.25 34.86 -30.32
C TYR D 102 -16.32 34.29 -28.91
N THR D 103 -17.51 33.84 -28.54
CA THR D 103 -17.76 33.39 -27.18
C THR D 103 -18.38 32.01 -27.23
N PHE D 104 -18.03 31.17 -26.27
CA PHE D 104 -18.60 29.85 -26.14
C PHE D 104 -19.66 29.82 -25.04
N GLY D 105 -20.40 28.73 -25.01
CA GLY D 105 -21.28 28.48 -23.90
C GLY D 105 -20.50 27.88 -22.76
N GLN D 106 -21.16 27.74 -21.61
CA GLN D 106 -20.48 27.22 -20.43
C GLN D 106 -20.81 25.75 -20.18
N GLY D 107 -21.09 25.00 -21.24
CA GLY D 107 -21.10 23.55 -21.15
C GLY D 107 -22.44 23.00 -20.69
N THR D 108 -22.76 21.80 -21.19
CA THR D 108 -23.97 21.08 -20.80
C THR D 108 -23.62 19.60 -20.77
N LYS D 109 -23.42 19.07 -19.56
CA LYS D 109 -23.15 17.65 -19.39
C LYS D 109 -24.45 16.86 -19.51
N VAL D 110 -24.36 15.68 -20.12
CA VAL D 110 -25.50 14.78 -20.25
C VAL D 110 -25.16 13.49 -19.51
N GLU D 111 -25.81 13.27 -18.37
CA GLU D 111 -25.71 11.98 -17.70
C GLU D 111 -26.76 11.03 -18.24
N ILE D 112 -26.71 9.79 -17.78
CA ILE D 112 -27.69 8.78 -18.14
C ILE D 112 -28.52 8.46 -16.89
N LYS D 113 -29.83 8.65 -17.00
CA LYS D 113 -30.72 8.29 -15.91
C LYS D 113 -30.59 6.81 -15.61
N ARG D 114 -30.17 6.49 -14.39
CA ARG D 114 -30.14 5.12 -13.93
C ARG D 114 -31.02 5.02 -12.69
N THR D 115 -31.59 3.83 -12.49
CA THR D 115 -32.29 3.58 -11.25
C THR D 115 -31.29 3.73 -10.11
N VAL D 116 -31.69 4.46 -9.07
CA VAL D 116 -30.75 4.85 -8.01
C VAL D 116 -30.04 3.62 -7.47
N ALA D 117 -28.71 3.72 -7.37
CA ALA D 117 -27.86 2.63 -6.95
C ALA D 117 -27.13 3.02 -5.68
N ALA D 118 -27.02 2.08 -4.75
CA ALA D 118 -26.38 2.44 -3.50
C ALA D 118 -24.87 2.18 -3.57
N PRO D 119 -24.07 3.09 -3.04
CA PRO D 119 -22.61 2.89 -3.07
C PRO D 119 -22.19 1.77 -2.14
N SER D 120 -21.19 1.01 -2.59
CA SER D 120 -20.52 0.03 -1.75
C SER D 120 -19.33 0.72 -1.10
N VAL D 121 -19.42 0.98 0.20
CA VAL D 121 -18.43 1.78 0.89
C VAL D 121 -17.31 0.88 1.40
N PHE D 122 -16.08 1.29 1.17
CA PHE D 122 -14.90 0.61 1.69
C PHE D 122 -13.97 1.64 2.30
N ILE D 123 -13.28 1.23 3.36
CA ILE D 123 -12.32 2.07 4.06
C ILE D 123 -11.00 1.30 4.10
N PHE D 124 -9.90 1.99 3.80
CA PHE D 124 -8.61 1.35 3.66
C PHE D 124 -7.62 2.02 4.59
N PRO D 125 -7.03 1.30 5.54
CA PRO D 125 -6.07 1.92 6.46
C PRO D 125 -4.77 2.23 5.74
N PRO D 126 -3.99 3.18 6.24
CA PRO D 126 -2.73 3.51 5.58
C PRO D 126 -1.77 2.34 5.67
N SER D 127 -0.89 2.24 4.68
CA SER D 127 0.03 1.12 4.62
C SER D 127 1.13 1.27 5.66
N ASP D 128 1.62 0.13 6.14
CA ASP D 128 2.75 0.14 7.07
C ASP D 128 4.00 0.63 6.38
N GLU D 129 4.11 0.42 5.06
CA GLU D 129 5.25 0.90 4.30
C GLU D 129 5.27 2.43 4.22
N GLN D 130 4.10 3.06 4.27
CA GLN D 130 4.04 4.52 4.23
C GLN D 130 4.36 5.16 5.58
N LEU D 131 4.12 4.44 6.67
CA LEU D 131 4.43 5.00 7.99
C LEU D 131 5.92 5.22 8.18
N LYS D 132 6.77 4.35 7.60
CA LYS D 132 8.20 4.61 7.62
C LYS D 132 8.58 5.87 6.84
N SER D 133 7.72 6.32 5.91
CA SER D 133 8.03 7.52 5.16
C SER D 133 7.79 8.79 5.97
N GLY D 134 6.74 8.81 6.79
CA GLY D 134 6.47 10.00 7.57
C GLY D 134 5.04 10.49 7.43
N THR D 135 4.27 9.81 6.59
CA THR D 135 2.90 10.22 6.30
C THR D 135 1.99 9.00 6.25
N ALA D 136 0.77 9.16 6.76
CA ALA D 136 -0.27 8.16 6.68
C ALA D 136 -1.43 8.72 5.87
N SER D 137 -2.05 7.87 5.06
CA SER D 137 -3.17 8.29 4.22
C SER D 137 -4.21 7.18 4.20
N VAL D 138 -5.32 7.41 4.89
CA VAL D 138 -6.45 6.50 4.90
C VAL D 138 -7.39 6.89 3.77
N VAL D 139 -7.93 5.87 3.08
CA VAL D 139 -8.73 6.08 1.88
C VAL D 139 -10.13 5.52 2.11
N CYS D 140 -11.14 6.27 1.68
CA CYS D 140 -12.53 5.83 1.70
C CYS D 140 -13.02 5.74 0.27
N LEU D 141 -13.63 4.61 -0.08
CA LEU D 141 -14.01 4.31 -1.44
C LEU D 141 -15.52 4.14 -1.54
N LEU D 142 -16.13 4.75 -2.55
CA LEU D 142 -17.53 4.58 -2.88
C LEU D 142 -17.58 4.03 -4.29
N ASN D 143 -18.17 2.85 -4.47
CA ASN D 143 -18.10 2.11 -5.71
C ASN D 143 -19.49 1.91 -6.29
N ASN D 144 -19.62 2.16 -7.60
CA ASN D 144 -20.82 1.89 -8.38
C ASN D 144 -22.07 2.51 -7.74
N PHE D 145 -22.17 3.83 -7.89
CA PHE D 145 -23.36 4.54 -7.43
C PHE D 145 -23.84 5.53 -8.49
N TYR D 146 -25.14 5.81 -8.43
CA TYR D 146 -25.84 6.82 -9.22
C TYR D 146 -27.00 7.26 -8.34
N PRO D 147 -27.30 8.57 -8.28
CA PRO D 147 -26.71 9.68 -9.03
C PRO D 147 -25.30 10.05 -8.60
N ARG D 148 -24.73 11.06 -9.26
CA ARG D 148 -23.33 11.44 -9.01
C ARG D 148 -23.14 12.08 -7.63
N GLU D 149 -24.16 12.76 -7.11
CA GLU D 149 -24.05 13.56 -5.90
C GLU D 149 -23.90 12.66 -4.68
N ALA D 150 -22.71 12.66 -4.07
CA ALA D 150 -22.46 11.93 -2.85
C ALA D 150 -21.69 12.81 -1.88
N LYS D 151 -21.83 12.50 -0.59
CA LYS D 151 -21.22 13.28 0.49
C LYS D 151 -20.38 12.34 1.35
N VAL D 152 -19.08 12.59 1.42
CA VAL D 152 -18.17 11.81 2.25
C VAL D 152 -17.53 12.75 3.28
N GLN D 153 -17.41 12.26 4.52
CA GLN D 153 -16.84 13.05 5.60
C GLN D 153 -16.01 12.17 6.53
N TRP D 154 -14.87 12.71 6.97
CA TRP D 154 -13.95 11.97 7.82
C TRP D 154 -14.11 12.37 9.28
N LYS D 155 -14.03 11.37 10.17
CA LYS D 155 -14.13 11.60 11.61
C LYS D 155 -13.05 10.77 12.29
N VAL D 156 -12.17 11.44 13.04
CA VAL D 156 -11.18 10.76 13.88
C VAL D 156 -11.52 11.02 15.34
N ASP D 157 -11.84 9.95 16.07
CA ASP D 157 -12.22 10.04 17.48
C ASP D 157 -13.36 11.04 17.70
N ASN D 158 -14.38 10.93 16.83
CA ASN D 158 -15.54 11.81 16.86
C ASN D 158 -15.16 13.27 16.68
N ALA D 159 -14.09 13.54 15.93
CA ALA D 159 -13.70 14.89 15.53
C ALA D 159 -13.79 15.04 14.03
N LEU D 160 -14.56 16.02 13.56
CA LEU D 160 -14.78 16.22 12.13
C LEU D 160 -13.51 16.77 11.47
N GLN D 161 -13.14 16.20 10.33
CA GLN D 161 -11.96 16.61 9.60
C GLN D 161 -12.31 17.54 8.45
N SER D 162 -11.44 18.51 8.22
CA SER D 162 -11.62 19.48 7.14
C SER D 162 -10.24 20.00 6.74
N GLY D 163 -10.11 20.33 5.46
CA GLY D 163 -8.86 20.87 4.95
C GLY D 163 -7.74 19.86 4.79
N ASN D 164 -8.04 18.57 4.84
CA ASN D 164 -7.01 17.55 4.62
C ASN D 164 -7.54 16.36 3.83
N SER D 165 -8.65 16.51 3.13
CA SER D 165 -9.22 15.45 2.32
C SER D 165 -9.13 15.83 0.85
N GLN D 166 -8.85 14.84 0.01
CA GLN D 166 -8.83 15.02 -1.44
C GLN D 166 -9.83 14.05 -2.04
N GLU D 167 -10.67 14.57 -2.94
CA GLU D 167 -11.67 13.75 -3.60
C GLU D 167 -11.29 13.53 -5.06
N SER D 168 -11.86 12.48 -5.66
CA SER D 168 -11.63 12.18 -7.06
C SER D 168 -12.78 11.30 -7.52
N VAL D 169 -13.42 11.71 -8.61
CA VAL D 169 -14.61 11.02 -9.11
C VAL D 169 -14.30 10.50 -10.51
N THR D 170 -15.00 9.45 -10.90
CA THR D 170 -14.80 8.84 -12.20
C THR D 170 -15.78 9.39 -13.22
N GLU D 171 -15.39 9.28 -14.48
CA GLU D 171 -16.35 9.39 -15.57
C GLU D 171 -17.43 8.34 -15.40
N GLN D 172 -18.61 8.63 -15.93
CA GLN D 172 -19.72 7.67 -15.84
C GLN D 172 -19.38 6.42 -16.62
N ASP D 173 -19.39 5.27 -15.95
CA ASP D 173 -19.02 4.02 -16.61
C ASP D 173 -20.06 3.72 -17.67
N SER D 174 -19.61 3.67 -18.93
CA SER D 174 -20.53 3.55 -20.05
C SER D 174 -21.28 2.23 -20.07
N LYS D 175 -20.80 1.21 -19.35
CA LYS D 175 -21.36 -0.13 -19.49
C LYS D 175 -22.37 -0.48 -18.42
N ASP D 176 -22.36 0.22 -17.27
CA ASP D 176 -23.42 0.07 -16.28
C ASP D 176 -23.96 1.41 -15.80
N SER D 177 -23.51 2.52 -16.39
CA SER D 177 -24.01 3.86 -16.09
C SER D 177 -23.93 4.17 -14.60
N THR D 178 -22.71 4.11 -14.08
CA THR D 178 -22.47 4.35 -12.66
C THR D 178 -21.17 5.13 -12.49
N TYR D 179 -20.99 5.69 -11.30
CA TYR D 179 -19.82 6.48 -10.93
C TYR D 179 -19.06 5.79 -9.80
N SER D 180 -17.99 6.43 -9.36
CA SER D 180 -17.20 5.99 -8.22
C SER D 180 -16.41 7.18 -7.68
N LEU D 181 -16.18 7.17 -6.36
CA LEU D 181 -15.52 8.27 -5.69
C LEU D 181 -14.46 7.72 -4.75
N SER D 182 -13.33 8.41 -4.67
CA SER D 182 -12.26 8.07 -3.75
C SER D 182 -11.87 9.31 -2.96
N SER D 183 -11.91 9.20 -1.64
CA SER D 183 -11.56 10.28 -0.73
C SER D 183 -10.27 9.91 0.02
N THR D 184 -9.25 10.75 -0.14
CA THR D 184 -7.94 10.52 0.47
C THR D 184 -7.74 11.50 1.62
N LEU D 185 -7.66 10.96 2.84
CA LEU D 185 -7.38 11.75 4.04
C LEU D 185 -5.88 11.64 4.33
N THR D 186 -5.16 12.75 4.15
CA THR D 186 -3.73 12.79 4.37
C THR D 186 -3.43 13.30 5.77
N LEU D 187 -2.64 12.54 6.53
CA LEU D 187 -2.36 12.84 7.92
C LEU D 187 -0.89 12.60 8.19
N SER D 188 -0.40 13.21 9.27
CA SER D 188 1.00 13.09 9.64
C SER D 188 1.24 11.76 10.36
N LYS D 189 2.50 11.31 10.32
CA LYS D 189 2.84 10.04 10.96
C LYS D 189 2.64 10.13 12.47
N ALA D 190 3.17 11.19 13.08
CA ALA D 190 3.00 11.38 14.52
C ALA D 190 1.53 11.59 14.89
N ASP D 191 0.79 12.32 14.05
CA ASP D 191 -0.62 12.59 14.32
C ASP D 191 -1.50 11.37 14.04
N TYR D 192 -1.11 10.50 13.11
CA TYR D 192 -1.92 9.32 12.82
C TYR D 192 -1.88 8.32 13.98
N GLU D 193 -0.72 8.16 14.59
CA GLU D 193 -0.55 7.24 15.71
C GLU D 193 -0.85 7.88 17.05
N LYS D 194 -1.31 9.14 17.06
CA LYS D 194 -1.74 9.80 18.28
C LYS D 194 -3.20 9.51 18.60
N HIS D 195 -3.99 9.09 17.62
CA HIS D 195 -5.40 8.81 17.76
C HIS D 195 -5.65 7.31 17.63
N LYS D 196 -6.91 6.91 17.82
CA LYS D 196 -7.26 5.49 17.92
C LYS D 196 -8.11 5.05 16.73
N VAL D 197 -9.36 5.49 16.63
CA VAL D 197 -10.28 5.00 15.60
C VAL D 197 -10.39 6.04 14.49
N TYR D 198 -10.52 5.56 13.25
CA TYR D 198 -10.70 6.40 12.07
C TYR D 198 -11.96 5.97 11.33
N ALA D 199 -12.81 6.94 11.01
CA ALA D 199 -14.12 6.67 10.45
C ALA D 199 -14.34 7.51 9.20
N CYS D 200 -14.97 6.91 8.20
CA CYS D 200 -15.50 7.61 7.05
C CYS D 200 -17.00 7.37 7.02
N GLU D 201 -17.78 8.45 7.03
CA GLU D 201 -19.23 8.36 7.05
C GLU D 201 -19.77 9.08 5.83
N VAL D 202 -20.55 8.37 5.00
CA VAL D 202 -21.02 8.86 3.71
C VAL D 202 -22.54 8.83 3.66
N THR D 203 -23.11 9.75 2.86
CA THR D 203 -24.54 9.82 2.60
C THR D 203 -24.80 9.95 1.11
N HIS D 204 -25.84 9.24 0.64
CA HIS D 204 -26.20 9.20 -0.78
C HIS D 204 -27.69 8.89 -0.85
N GLN D 205 -28.29 8.99 -2.03
CA GLN D 205 -29.70 8.78 -2.07
C GLN D 205 -29.97 7.46 -1.55
N GLY D 206 -31.02 7.46 -0.77
CA GLY D 206 -31.46 6.28 -0.10
C GLY D 206 -30.37 5.83 0.81
N LEU D 207 -29.98 4.61 0.47
CA LEU D 207 -28.95 3.92 1.12
C LEU D 207 -29.32 3.94 2.57
N SER D 208 -30.59 3.81 2.94
CA SER D 208 -31.02 3.82 4.33
C SER D 208 -30.48 5.04 5.07
N SER D 209 -29.88 4.78 6.19
CA SER D 209 -29.23 5.75 7.03
C SER D 209 -27.84 6.04 6.49
N PRO D 210 -27.26 7.16 6.85
CA PRO D 210 -25.92 7.47 6.40
C PRO D 210 -24.97 6.41 6.89
N VAL D 211 -24.20 5.87 5.99
CA VAL D 211 -23.34 4.78 6.31
C VAL D 211 -22.16 5.20 7.03
N THR D 212 -21.67 4.34 7.92
CA THR D 212 -20.40 4.58 8.60
C THR D 212 -19.55 3.33 8.49
N LYS D 213 -18.37 3.47 7.90
CA LYS D 213 -17.38 2.40 7.85
C LYS D 213 -16.07 2.92 8.42
N SER D 214 -15.49 2.17 9.35
CA SER D 214 -14.41 2.67 10.18
C SER D 214 -13.49 1.51 10.56
N PHE D 215 -12.25 1.85 10.89
CA PHE D 215 -11.29 0.87 11.34
C PHE D 215 -10.59 1.40 12.58
N ASN D 216 -10.30 0.51 13.52
CA ASN D 216 -9.60 0.88 14.74
C ASN D 216 -8.12 0.55 14.58
N ARG D 217 -7.26 1.49 14.96
CA ARG D 217 -5.83 1.35 14.72
C ARG D 217 -5.27 0.20 15.54
N GLY D 218 -4.70 -0.78 14.84
CA GLY D 218 -4.15 -1.95 15.51
C GLY D 218 -4.97 -3.18 15.25
N GLU D 219 -5.65 -3.21 14.11
CA GLU D 219 -6.59 -4.26 13.75
C GLU D 219 -7.67 -4.38 14.82
#